data_2O71
# 
_entry.id   2O71 
# 
_audit_conform.dict_name       mmcif_pdbx.dic 
_audit_conform.dict_version    5.383 
_audit_conform.dict_location   http://mmcif.pdb.org/dictionaries/ascii/mmcif_pdbx.dic 
# 
loop_
_database_2.database_id 
_database_2.database_code 
_database_2.pdbx_database_accession 
_database_2.pdbx_DOI 
PDB   2O71         pdb_00002o71 10.2210/pdb2o71/pdb 
RCSB  RCSB040767   ?            ?                   
WWPDB D_1000040767 ?            ?                   
# 
loop_
_pdbx_audit_revision_history.ordinal 
_pdbx_audit_revision_history.data_content_type 
_pdbx_audit_revision_history.major_revision 
_pdbx_audit_revision_history.minor_revision 
_pdbx_audit_revision_history.revision_date 
1 'Structure model' 1 0 2007-01-30 
2 'Structure model' 1 1 2008-05-01 
3 'Structure model' 1 2 2011-07-13 
4 'Structure model' 1 3 2023-12-27 
# 
_pdbx_audit_revision_details.ordinal             1 
_pdbx_audit_revision_details.revision_ordinal    1 
_pdbx_audit_revision_details.data_content_type   'Structure model' 
_pdbx_audit_revision_details.provider            repository 
_pdbx_audit_revision_details.type                'Initial release' 
_pdbx_audit_revision_details.description         ? 
_pdbx_audit_revision_details.details             ? 
# 
loop_
_pdbx_audit_revision_group.ordinal 
_pdbx_audit_revision_group.revision_ordinal 
_pdbx_audit_revision_group.data_content_type 
_pdbx_audit_revision_group.group 
1 2 'Structure model' 'Version format compliance' 
2 3 'Structure model' 'Version format compliance' 
3 4 'Structure model' 'Data collection'           
4 4 'Structure model' 'Database references'       
# 
loop_
_pdbx_audit_revision_category.ordinal 
_pdbx_audit_revision_category.revision_ordinal 
_pdbx_audit_revision_category.data_content_type 
_pdbx_audit_revision_category.category 
1 4 'Structure model' chem_comp_atom     
2 4 'Structure model' chem_comp_bond     
3 4 'Structure model' database_2         
4 4 'Structure model' struct_ref_seq_dif 
# 
loop_
_pdbx_audit_revision_item.ordinal 
_pdbx_audit_revision_item.revision_ordinal 
_pdbx_audit_revision_item.data_content_type 
_pdbx_audit_revision_item.item 
1 4 'Structure model' '_database_2.pdbx_DOI'                
2 4 'Structure model' '_database_2.pdbx_database_accession' 
3 4 'Structure model' '_struct_ref_seq_dif.details'         
# 
_pdbx_database_status.status_code                     REL 
_pdbx_database_status.entry_id                        2O71 
_pdbx_database_status.recvd_initial_deposition_date   2006-12-09 
_pdbx_database_status.deposit_site                    RCSB 
_pdbx_database_status.process_site                    RCSB 
_pdbx_database_status.status_code_sf                  REL 
_pdbx_database_status.status_code_mr                  ? 
_pdbx_database_status.SG_entry                        ? 
_pdbx_database_status.pdb_format_compatible           Y 
_pdbx_database_status.status_code_cs                  ? 
_pdbx_database_status.status_code_nmr_data            ? 
_pdbx_database_status.methods_development_category    ? 
# 
loop_
_audit_author.name 
_audit_author.pdbx_ordinal 
'Wu, H.'   1 
'Park, H.' 2 
# 
_citation.id                        primary 
_citation.title                     'Crystal Structure of RAIDD Death Domain Implicates Potential Mechanism of PIDDosome Assembly' 
_citation.journal_abbrev            J.Mol.Biol. 
_citation.journal_volume            357 
_citation.page_first                358 
_citation.page_last                 364 
_citation.year                      2006 
_citation.journal_id_ASTM           JMOBAK 
_citation.country                   UK 
_citation.journal_id_ISSN           0022-2836 
_citation.journal_id_CSD            0070 
_citation.book_publisher            ? 
_citation.pdbx_database_id_PubMed   16434054 
_citation.pdbx_database_id_DOI      10.1016/j.jmb.2005.12.082 
# 
loop_
_citation_author.citation_id 
_citation_author.name 
_citation_author.ordinal 
_citation_author.identifier_ORCID 
primary 'Park, H.H.' 1 ? 
primary 'Wu, H.'     2 ? 
# 
_entity.id                         1 
_entity.type                       polymer 
_entity.src_method                 man 
_entity.pdbx_description           'Death domain-containing protein CRADD' 
_entity.formula_weight             13224.930 
_entity.pdbx_number_of_molecules   1 
_entity.pdbx_ec                    ? 
_entity.pdbx_mutation              ? 
_entity.pdbx_fragment              'Death Domain, residues 95-199' 
_entity.details                    ? 
# 
_entity_name_com.entity_id   1 
_entity_name_com.name        'Caspase and RIP adapter with death domain, RIP-associated protein with a death domain' 
# 
_entity_poly.entity_id                      1 
_entity_poly.type                           'polypeptide(L)' 
_entity_poly.nstd_linkage                   no 
_entity_poly.nstd_monomer                   no 
_entity_poly.pdbx_seq_one_letter_code       
;MTDLPAGDRLTGIPSHILNSSPSDRQINQLAQRLGPEWEPMVLSLGLSQTDIYRCKANHPHNVQSQVVEAFIRWRQRFGK
QATFQSLHNGLRAVEVDPSLLLHMLEELEHHHHHH
;
_entity_poly.pdbx_seq_one_letter_code_can   
;MTDLPAGDRLTGIPSHILNSSPSDRQINQLAQRLGPEWEPMVLSLGLSQTDIYRCKANHPHNVQSQVVEAFIRWRQRFGK
QATFQSLHNGLRAVEVDPSLLLHMLEELEHHHHHH
;
_entity_poly.pdbx_strand_id                 A 
_entity_poly.pdbx_target_identifier         ? 
# 
loop_
_entity_poly_seq.entity_id 
_entity_poly_seq.num 
_entity_poly_seq.mon_id 
_entity_poly_seq.hetero 
1 1   MET n 
1 2   THR n 
1 3   ASP n 
1 4   LEU n 
1 5   PRO n 
1 6   ALA n 
1 7   GLY n 
1 8   ASP n 
1 9   ARG n 
1 10  LEU n 
1 11  THR n 
1 12  GLY n 
1 13  ILE n 
1 14  PRO n 
1 15  SER n 
1 16  HIS n 
1 17  ILE n 
1 18  LEU n 
1 19  ASN n 
1 20  SER n 
1 21  SER n 
1 22  PRO n 
1 23  SER n 
1 24  ASP n 
1 25  ARG n 
1 26  GLN n 
1 27  ILE n 
1 28  ASN n 
1 29  GLN n 
1 30  LEU n 
1 31  ALA n 
1 32  GLN n 
1 33  ARG n 
1 34  LEU n 
1 35  GLY n 
1 36  PRO n 
1 37  GLU n 
1 38  TRP n 
1 39  GLU n 
1 40  PRO n 
1 41  MET n 
1 42  VAL n 
1 43  LEU n 
1 44  SER n 
1 45  LEU n 
1 46  GLY n 
1 47  LEU n 
1 48  SER n 
1 49  GLN n 
1 50  THR n 
1 51  ASP n 
1 52  ILE n 
1 53  TYR n 
1 54  ARG n 
1 55  CYS n 
1 56  LYS n 
1 57  ALA n 
1 58  ASN n 
1 59  HIS n 
1 60  PRO n 
1 61  HIS n 
1 62  ASN n 
1 63  VAL n 
1 64  GLN n 
1 65  SER n 
1 66  GLN n 
1 67  VAL n 
1 68  VAL n 
1 69  GLU n 
1 70  ALA n 
1 71  PHE n 
1 72  ILE n 
1 73  ARG n 
1 74  TRP n 
1 75  ARG n 
1 76  GLN n 
1 77  ARG n 
1 78  PHE n 
1 79  GLY n 
1 80  LYS n 
1 81  GLN n 
1 82  ALA n 
1 83  THR n 
1 84  PHE n 
1 85  GLN n 
1 86  SER n 
1 87  LEU n 
1 88  HIS n 
1 89  ASN n 
1 90  GLY n 
1 91  LEU n 
1 92  ARG n 
1 93  ALA n 
1 94  VAL n 
1 95  GLU n 
1 96  VAL n 
1 97  ASP n 
1 98  PRO n 
1 99  SER n 
1 100 LEU n 
1 101 LEU n 
1 102 LEU n 
1 103 HIS n 
1 104 MET n 
1 105 LEU n 
1 106 GLU n 
1 107 GLU n 
1 108 LEU n 
1 109 GLU n 
1 110 HIS n 
1 111 HIS n 
1 112 HIS n 
1 113 HIS n 
1 114 HIS n 
1 115 HIS n 
# 
_entity_src_gen.entity_id                          1 
_entity_src_gen.pdbx_src_id                        1 
_entity_src_gen.pdbx_alt_source_flag               sample 
_entity_src_gen.pdbx_seq_type                      ? 
_entity_src_gen.pdbx_beg_seq_num                   ? 
_entity_src_gen.pdbx_end_seq_num                   ? 
_entity_src_gen.gene_src_common_name               human 
_entity_src_gen.gene_src_genus                     Homo 
_entity_src_gen.pdbx_gene_src_gene                 'CRADD, RAIDD' 
_entity_src_gen.gene_src_species                   ? 
_entity_src_gen.gene_src_strain                    ? 
_entity_src_gen.gene_src_tissue                    ? 
_entity_src_gen.gene_src_tissue_fraction           ? 
_entity_src_gen.gene_src_details                   ? 
_entity_src_gen.pdbx_gene_src_fragment             ? 
_entity_src_gen.pdbx_gene_src_scientific_name      'Homo sapiens' 
_entity_src_gen.pdbx_gene_src_ncbi_taxonomy_id     9606 
_entity_src_gen.pdbx_gene_src_variant              ? 
_entity_src_gen.pdbx_gene_src_cell_line            ? 
_entity_src_gen.pdbx_gene_src_atcc                 ? 
_entity_src_gen.pdbx_gene_src_organ                ? 
_entity_src_gen.pdbx_gene_src_organelle            ? 
_entity_src_gen.pdbx_gene_src_cell                 ? 
_entity_src_gen.pdbx_gene_src_cellular_location    ? 
_entity_src_gen.host_org_common_name               ? 
_entity_src_gen.pdbx_host_org_scientific_name      'Escherichia coli BL21(DE3)' 
_entity_src_gen.pdbx_host_org_ncbi_taxonomy_id     469008 
_entity_src_gen.host_org_genus                     Escherichia 
_entity_src_gen.pdbx_host_org_gene                 ? 
_entity_src_gen.pdbx_host_org_organ                ? 
_entity_src_gen.host_org_species                   'Escherichia coli' 
_entity_src_gen.pdbx_host_org_tissue               ? 
_entity_src_gen.pdbx_host_org_tissue_fraction      ? 
_entity_src_gen.pdbx_host_org_strain               'BL21(DE3)' 
_entity_src_gen.pdbx_host_org_variant              ? 
_entity_src_gen.pdbx_host_org_cell_line            ? 
_entity_src_gen.pdbx_host_org_atcc                 ? 
_entity_src_gen.pdbx_host_org_culture_collection   ? 
_entity_src_gen.pdbx_host_org_cell                 ? 
_entity_src_gen.pdbx_host_org_organelle            ? 
_entity_src_gen.pdbx_host_org_cellular_location    ? 
_entity_src_gen.pdbx_host_org_vector_type          Plasmid 
_entity_src_gen.pdbx_host_org_vector               ? 
_entity_src_gen.host_org_details                   ? 
_entity_src_gen.expression_system_id               ? 
_entity_src_gen.plasmid_name                       'pET 26b' 
_entity_src_gen.plasmid_details                    ? 
_entity_src_gen.pdbx_description                   ? 
# 
loop_
_chem_comp.id 
_chem_comp.type 
_chem_comp.mon_nstd_flag 
_chem_comp.name 
_chem_comp.pdbx_synonyms 
_chem_comp.formula 
_chem_comp.formula_weight 
ALA 'L-peptide linking' y ALANINE         ? 'C3 H7 N O2'     89.093  
ARG 'L-peptide linking' y ARGININE        ? 'C6 H15 N4 O2 1' 175.209 
ASN 'L-peptide linking' y ASPARAGINE      ? 'C4 H8 N2 O3'    132.118 
ASP 'L-peptide linking' y 'ASPARTIC ACID' ? 'C4 H7 N O4'     133.103 
CYS 'L-peptide linking' y CYSTEINE        ? 'C3 H7 N O2 S'   121.158 
GLN 'L-peptide linking' y GLUTAMINE       ? 'C5 H10 N2 O3'   146.144 
GLU 'L-peptide linking' y 'GLUTAMIC ACID' ? 'C5 H9 N O4'     147.129 
GLY 'peptide linking'   y GLYCINE         ? 'C2 H5 N O2'     75.067  
HIS 'L-peptide linking' y HISTIDINE       ? 'C6 H10 N3 O2 1' 156.162 
ILE 'L-peptide linking' y ISOLEUCINE      ? 'C6 H13 N O2'    131.173 
LEU 'L-peptide linking' y LEUCINE         ? 'C6 H13 N O2'    131.173 
LYS 'L-peptide linking' y LYSINE          ? 'C6 H15 N2 O2 1' 147.195 
MET 'L-peptide linking' y METHIONINE      ? 'C5 H11 N O2 S'  149.211 
PHE 'L-peptide linking' y PHENYLALANINE   ? 'C9 H11 N O2'    165.189 
PRO 'L-peptide linking' y PROLINE         ? 'C5 H9 N O2'     115.130 
SER 'L-peptide linking' y SERINE          ? 'C3 H7 N O3'     105.093 
THR 'L-peptide linking' y THREONINE       ? 'C4 H9 N O3'     119.119 
TRP 'L-peptide linking' y TRYPTOPHAN      ? 'C11 H12 N2 O2'  204.225 
TYR 'L-peptide linking' y TYROSINE        ? 'C9 H11 N O3'    181.189 
VAL 'L-peptide linking' y VALINE          ? 'C5 H11 N O2'    117.146 
# 
loop_
_pdbx_poly_seq_scheme.asym_id 
_pdbx_poly_seq_scheme.entity_id 
_pdbx_poly_seq_scheme.seq_id 
_pdbx_poly_seq_scheme.mon_id 
_pdbx_poly_seq_scheme.ndb_seq_num 
_pdbx_poly_seq_scheme.pdb_seq_num 
_pdbx_poly_seq_scheme.auth_seq_num 
_pdbx_poly_seq_scheme.pdb_mon_id 
_pdbx_poly_seq_scheme.auth_mon_id 
_pdbx_poly_seq_scheme.pdb_strand_id 
_pdbx_poly_seq_scheme.pdb_ins_code 
_pdbx_poly_seq_scheme.hetero 
A 1 1   MET 1   94  ?   ?   ?   A . n 
A 1 2   THR 2   95  ?   ?   ?   A . n 
A 1 3   ASP 3   96  ?   ?   ?   A . n 
A 1 4   LEU 4   97  ?   ?   ?   A . n 
A 1 5   PRO 5   98  ?   ?   ?   A . n 
A 1 6   ALA 6   99  ?   ?   ?   A . n 
A 1 7   GLY 7   100 ?   ?   ?   A . n 
A 1 8   ASP 8   101 ?   ?   ?   A . n 
A 1 9   ARG 9   102 ?   ?   ?   A . n 
A 1 10  LEU 10  103 ?   ?   ?   A . n 
A 1 11  THR 11  104 ?   ?   ?   A . n 
A 1 12  GLY 12  105 ?   ?   ?   A . n 
A 1 13  ILE 13  106 ?   ?   ?   A . n 
A 1 14  PRO 14  107 ?   ?   ?   A . n 
A 1 15  SER 15  108 ?   ?   ?   A . n 
A 1 16  HIS 16  109 109 HIS ALA A . n 
A 1 17  ILE 17  110 110 ILE ALA A . n 
A 1 18  LEU 18  111 111 LEU ALA A . n 
A 1 19  ASN 19  112 112 ASN ASN A . n 
A 1 20  SER 20  113 113 SER SER A . n 
A 1 21  SER 21  114 114 SER SER A . n 
A 1 22  PRO 22  115 115 PRO PRO A . n 
A 1 23  SER 23  116 116 SER SER A . n 
A 1 24  ASP 24  117 117 ASP ALA A . n 
A 1 25  ARG 25  118 118 ARG ALA A . n 
A 1 26  GLN 26  119 119 GLN GLN A . n 
A 1 27  ILE 27  120 120 ILE ILE A . n 
A 1 28  ASN 28  121 121 ASN ASN A . n 
A 1 29  GLN 29  122 122 GLN GLN A . n 
A 1 30  LEU 30  123 123 LEU LEU A . n 
A 1 31  ALA 31  124 124 ALA ALA A . n 
A 1 32  GLN 32  125 125 GLN GLN A . n 
A 1 33  ARG 33  126 126 ARG ARG A . n 
A 1 34  LEU 34  127 127 LEU LEU A . n 
A 1 35  GLY 35  128 128 GLY GLY A . n 
A 1 36  PRO 36  129 129 PRO PRO A . n 
A 1 37  GLU 37  130 130 GLU ALA A . n 
A 1 38  TRP 38  131 131 TRP TRP A . n 
A 1 39  GLU 39  132 132 GLU GLU A . n 
A 1 40  PRO 40  133 133 PRO PRO A . n 
A 1 41  MET 41  134 134 MET MET A . n 
A 1 42  VAL 42  135 135 VAL VAL A . n 
A 1 43  LEU 43  136 136 LEU LEU A . n 
A 1 44  SER 44  137 137 SER SER A . n 
A 1 45  LEU 45  138 138 LEU LEU A . n 
A 1 46  GLY 46  139 139 GLY GLY A . n 
A 1 47  LEU 47  140 140 LEU LEU A . n 
A 1 48  SER 48  141 141 SER SER A . n 
A 1 49  GLN 49  142 142 GLN GLN A . n 
A 1 50  THR 50  143 143 THR THR A . n 
A 1 51  ASP 51  144 144 ASP ASP A . n 
A 1 52  ILE 52  145 145 ILE ILE A . n 
A 1 53  TYR 53  146 146 TYR TYR A . n 
A 1 54  ARG 54  147 147 ARG ARG A . n 
A 1 55  CYS 55  148 148 CYS CYS A . n 
A 1 56  LYS 56  149 149 LYS LYS A . n 
A 1 57  ALA 57  150 150 ALA ALA A . n 
A 1 58  ASN 58  151 151 ASN ASN A . n 
A 1 59  HIS 59  152 152 HIS HIS A . n 
A 1 60  PRO 60  153 153 PRO PRO A . n 
A 1 61  HIS 61  154 154 HIS HIS A . n 
A 1 62  ASN 62  155 155 ASN ASN A . n 
A 1 63  VAL 63  156 156 VAL VAL A . n 
A 1 64  GLN 64  157 157 GLN GLN A . n 
A 1 65  SER 65  158 158 SER SER A . n 
A 1 66  GLN 66  159 159 GLN GLN A . n 
A 1 67  VAL 67  160 160 VAL VAL A . n 
A 1 68  VAL 68  161 161 VAL VAL A . n 
A 1 69  GLU 69  162 162 GLU GLU A . n 
A 1 70  ALA 70  163 163 ALA ALA A . n 
A 1 71  PHE 71  164 164 PHE PHE A . n 
A 1 72  ILE 72  165 165 ILE ILE A . n 
A 1 73  ARG 73  166 166 ARG ARG A . n 
A 1 74  TRP 74  167 167 TRP TRP A . n 
A 1 75  ARG 75  168 168 ARG ARG A . n 
A 1 76  GLN 76  169 169 GLN GLN A . n 
A 1 77  ARG 77  170 170 ARG ARG A . n 
A 1 78  PHE 78  171 171 PHE PHE A . n 
A 1 79  GLY 79  172 172 GLY GLY A . n 
A 1 80  LYS 80  173 173 LYS ALA A . n 
A 1 81  GLN 81  174 174 GLN GLN A . n 
A 1 82  ALA 82  175 175 ALA ALA A . n 
A 1 83  THR 83  176 176 THR THR A . n 
A 1 84  PHE 84  177 177 PHE PHE A . n 
A 1 85  GLN 85  178 178 GLN GLN A . n 
A 1 86  SER 86  179 179 SER SER A . n 
A 1 87  LEU 87  180 180 LEU LEU A . n 
A 1 88  HIS 88  181 181 HIS HIS A . n 
A 1 89  ASN 89  182 182 ASN ASN A . n 
A 1 90  GLY 90  183 183 GLY GLY A . n 
A 1 91  LEU 91  184 184 LEU LEU A . n 
A 1 92  ARG 92  185 185 ARG ALA A . n 
A 1 93  ALA 93  186 186 ALA ALA A . n 
A 1 94  VAL 94  187 187 VAL VAL A . n 
A 1 95  GLU 95  188 188 GLU GLU A . n 
A 1 96  VAL 96  189 189 VAL VAL A . n 
A 1 97  ASP 97  190 190 ASP ASP A . n 
A 1 98  PRO 98  191 191 PRO PRO A . n 
A 1 99  SER 99  192 192 SER SER A . n 
A 1 100 LEU 100 193 193 LEU LEU A . n 
A 1 101 LEU 101 194 194 LEU LEU A . n 
A 1 102 LEU 102 195 195 LEU LEU A . n 
A 1 103 HIS 103 196 196 HIS HIS A . n 
A 1 104 MET 104 197 197 MET MET A . n 
A 1 105 LEU 105 198 198 LEU LEU A . n 
A 1 106 GLU 106 199 199 GLU GLU A . n 
A 1 107 GLU 107 200 ?   ?   ?   A . n 
A 1 108 LEU 108 201 ?   ?   ?   A . n 
A 1 109 GLU 109 202 ?   ?   ?   A . n 
A 1 110 HIS 110 203 ?   ?   ?   A . n 
A 1 111 HIS 111 204 ?   ?   ?   A . n 
A 1 112 HIS 112 205 ?   ?   ?   A . n 
A 1 113 HIS 113 206 ?   ?   ?   A . n 
A 1 114 HIS 114 207 ?   ?   ?   A . n 
A 1 115 HIS 115 208 ?   ?   ?   A . n 
# 
loop_
_pdbx_unobs_or_zero_occ_atoms.id 
_pdbx_unobs_or_zero_occ_atoms.PDB_model_num 
_pdbx_unobs_or_zero_occ_atoms.polymer_flag 
_pdbx_unobs_or_zero_occ_atoms.occupancy_flag 
_pdbx_unobs_or_zero_occ_atoms.auth_asym_id 
_pdbx_unobs_or_zero_occ_atoms.auth_comp_id 
_pdbx_unobs_or_zero_occ_atoms.auth_seq_id 
_pdbx_unobs_or_zero_occ_atoms.PDB_ins_code 
_pdbx_unobs_or_zero_occ_atoms.auth_atom_id 
_pdbx_unobs_or_zero_occ_atoms.label_alt_id 
_pdbx_unobs_or_zero_occ_atoms.label_asym_id 
_pdbx_unobs_or_zero_occ_atoms.label_comp_id 
_pdbx_unobs_or_zero_occ_atoms.label_seq_id 
_pdbx_unobs_or_zero_occ_atoms.label_atom_id 
1  1 Y 1 A HIS 109 ? CG  ? A HIS 16 CG  
2  1 Y 1 A HIS 109 ? ND1 ? A HIS 16 ND1 
3  1 Y 1 A HIS 109 ? CD2 ? A HIS 16 CD2 
4  1 Y 1 A HIS 109 ? CE1 ? A HIS 16 CE1 
5  1 Y 1 A HIS 109 ? NE2 ? A HIS 16 NE2 
6  1 Y 1 A ILE 110 ? CG1 ? A ILE 17 CG1 
7  1 Y 1 A ILE 110 ? CG2 ? A ILE 17 CG2 
8  1 Y 1 A ILE 110 ? CD1 ? A ILE 17 CD1 
9  1 Y 1 A LEU 111 ? CG  ? A LEU 18 CG  
10 1 Y 1 A LEU 111 ? CD1 ? A LEU 18 CD1 
11 1 Y 1 A LEU 111 ? CD2 ? A LEU 18 CD2 
12 1 Y 1 A ASP 117 ? CG  ? A ASP 24 CG  
13 1 Y 1 A ASP 117 ? OD1 ? A ASP 24 OD1 
14 1 Y 1 A ASP 117 ? OD2 ? A ASP 24 OD2 
15 1 Y 1 A ARG 118 ? CG  ? A ARG 25 CG  
16 1 Y 1 A ARG 118 ? CD  ? A ARG 25 CD  
17 1 Y 1 A ARG 118 ? NE  ? A ARG 25 NE  
18 1 Y 1 A ARG 118 ? CZ  ? A ARG 25 CZ  
19 1 Y 1 A ARG 118 ? NH1 ? A ARG 25 NH1 
20 1 Y 1 A ARG 118 ? NH2 ? A ARG 25 NH2 
21 1 Y 1 A GLU 130 ? CG  ? A GLU 37 CG  
22 1 Y 1 A GLU 130 ? CD  ? A GLU 37 CD  
23 1 Y 1 A GLU 130 ? OE1 ? A GLU 37 OE1 
24 1 Y 1 A GLU 130 ? OE2 ? A GLU 37 OE2 
25 1 Y 1 A LYS 173 ? CG  ? A LYS 80 CG  
26 1 Y 1 A LYS 173 ? CD  ? A LYS 80 CD  
27 1 Y 1 A LYS 173 ? CE  ? A LYS 80 CE  
28 1 Y 1 A LYS 173 ? NZ  ? A LYS 80 NZ  
29 1 Y 1 A ARG 185 ? CG  ? A ARG 92 CG  
30 1 Y 1 A ARG 185 ? CD  ? A ARG 92 CD  
31 1 Y 1 A ARG 185 ? NE  ? A ARG 92 NE  
32 1 Y 1 A ARG 185 ? CZ  ? A ARG 92 CZ  
33 1 Y 1 A ARG 185 ? NH1 ? A ARG 92 NH1 
34 1 Y 1 A ARG 185 ? NH2 ? A ARG 92 NH2 
# 
loop_
_software.name 
_software.classification 
_software.version 
_software.citation_id 
_software.pdbx_ordinal 
HKL-2000 'data collection' .   ? 1 
SOLVE    phasing           .   ? 2 
CNS      refinement        1.1 ? 3 
DENZO    'data reduction'  .   ? 4 
HKL-2000 'data scaling'    .   ? 5 
# 
_cell.entry_id           2O71 
_cell.length_a           56.058 
_cell.length_b           56.058 
_cell.length_c           64.915 
_cell.angle_alpha        90.00 
_cell.angle_beta         90.00 
_cell.angle_gamma        120.00 
_cell.Z_PDB              6 
_cell.pdbx_unique_axis   ? 
_cell.length_a_esd       ? 
_cell.length_b_esd       ? 
_cell.length_c_esd       ? 
_cell.angle_alpha_esd    ? 
_cell.angle_beta_esd     ? 
_cell.angle_gamma_esd    ? 
# 
_symmetry.entry_id                         2O71 
_symmetry.space_group_name_H-M             'P 31 2 1' 
_symmetry.pdbx_full_space_group_name_H-M   ? 
_symmetry.cell_setting                     ? 
_symmetry.Int_Tables_number                152 
_symmetry.space_group_name_Hall            ? 
# 
_exptl.entry_id          2O71 
_exptl.method            'X-RAY DIFFRACTION' 
_exptl.crystals_number   ? 
# 
_exptl_crystal.id                    1 
_exptl_crystal.density_meas          ? 
_exptl_crystal.density_Matthews      2.25 
_exptl_crystal.density_percent_sol   45.27 
_exptl_crystal.description           ? 
_exptl_crystal.F_000                 ? 
_exptl_crystal.preparation           ? 
# 
_exptl_crystal_grow.crystal_id      1 
_exptl_crystal_grow.method          'VAPOR DIFFUSION, HANGING DROP' 
_exptl_crystal_grow.temp            ? 
_exptl_crystal_grow.temp_details    ? 
_exptl_crystal_grow.pH              ? 
_exptl_crystal_grow.pdbx_details    
;1 ml of protein solution (4-6 mg/ml in 20 mM Tris at pH 8.0, 150 mM NaCl, mixed with 1 ml of a reservoir solution 2M Na/K phosphate at pH 7.0, VAPOR DIFFUSION, HANGING DROP
;
_exptl_crystal_grow.pdbx_pH_range   . 
# 
_diffrn.id                     1 
_diffrn.ambient_temp           ? 
_diffrn.ambient_temp_details   ? 
_diffrn.crystal_id             1 
# 
_diffrn_radiation.diffrn_id                        1 
_diffrn_radiation.wavelength_id                    1 
_diffrn_radiation.pdbx_monochromatic_or_laue_m_l   M 
_diffrn_radiation.monochromator                    ? 
_diffrn_radiation.pdbx_diffrn_protocol             'SINGLE WAVELENGTH' 
_diffrn_radiation.pdbx_scattering_type             x-ray 
# 
_diffrn_radiation_wavelength.id           1 
_diffrn_radiation_wavelength.wavelength   0.97933 
_diffrn_radiation_wavelength.wt           1.0 
# 
_diffrn_source.diffrn_id                   1 
_diffrn_source.source                      SYNCHROTRON 
_diffrn_source.type                        'NSLS BEAMLINE X4A' 
_diffrn_source.pdbx_synchrotron_site       NSLS 
_diffrn_source.pdbx_synchrotron_beamline   X4A 
_diffrn_source.pdbx_wavelength             ? 
_diffrn_source.pdbx_wavelength_list        0.97933 
# 
_reflns.entry_id                     2O71 
_reflns.observed_criterion_sigma_F   1.0 
_reflns.observed_criterion_sigma_I   1.0 
_reflns.d_resolution_high            2.0 
_reflns.d_resolution_low             30 
_reflns.number_all                   ? 
_reflns.number_obs                   8331 
_reflns.percent_possible_obs         96.9 
_reflns.pdbx_Rmerge_I_obs            0.052 
_reflns.pdbx_Rsym_value              0.062 
_reflns.pdbx_netI_over_sigmaI        ? 
_reflns.B_iso_Wilson_estimate        11.2 
_reflns.pdbx_redundancy              8.9 
_reflns.R_free_details               ? 
_reflns.limit_h_max                  ? 
_reflns.limit_h_min                  ? 
_reflns.limit_k_max                  ? 
_reflns.limit_k_min                  ? 
_reflns.limit_l_max                  ? 
_reflns.limit_l_min                  ? 
_reflns.observed_criterion_F_max     ? 
_reflns.observed_criterion_F_min     ? 
_reflns.pdbx_chi_squared             ? 
_reflns.pdbx_scaling_rejects         ? 
_reflns.pdbx_diffrn_id               1 
_reflns.pdbx_ordinal                 1 
# 
_refine.entry_id                                 2O71 
_refine.ls_d_res_high                            2.0 
_refine.ls_d_res_low                             30 
_refine.pdbx_ls_sigma_F                          2.0 
_refine.pdbx_ls_sigma_I                          ? 
_refine.ls_number_reflns_all                     ? 
_refine.ls_number_reflns_obs                     8331 
_refine.ls_number_reflns_R_free                  ? 
_refine.ls_percent_reflns_obs                    ? 
_refine.ls_R_factor_all                          ? 
_refine.ls_R_factor_obs                          ? 
_refine.ls_R_factor_R_work                       0.231 
_refine.ls_R_factor_R_free                       0.241 
_refine.ls_redundancy_reflns_obs                 ? 
_refine.pdbx_data_cutoff_high_absF               ? 
_refine.pdbx_data_cutoff_low_absF                ? 
_refine.ls_number_parameters                     ? 
_refine.ls_number_restraints                     ? 
_refine.ls_percent_reflns_R_free                 ? 
_refine.ls_R_factor_R_free_error                 ? 
_refine.ls_R_factor_R_free_error_details         ? 
_refine.pdbx_method_to_determine_struct          SAD 
_refine.pdbx_starting_model                      ? 
_refine.pdbx_ls_cross_valid_method               ? 
_refine.pdbx_R_Free_selection_details            ? 
_refine.pdbx_stereochem_target_val_spec_case     ? 
_refine.pdbx_stereochemistry_target_values       ? 
_refine.solvent_model_details                    ? 
_refine.solvent_model_param_bsol                 ? 
_refine.solvent_model_param_ksol                 ? 
_refine.occupancy_max                            ? 
_refine.occupancy_min                            ? 
_refine.pdbx_isotropic_thermal_model             ? 
_refine.B_iso_mean                               ? 
_refine.aniso_B[1][1]                            ? 
_refine.aniso_B[1][2]                            ? 
_refine.aniso_B[1][3]                            ? 
_refine.aniso_B[2][2]                            ? 
_refine.aniso_B[2][3]                            ? 
_refine.aniso_B[3][3]                            ? 
_refine.details                                  ? 
_refine.B_iso_min                                ? 
_refine.B_iso_max                                ? 
_refine.correlation_coeff_Fo_to_Fc               ? 
_refine.correlation_coeff_Fo_to_Fc_free          ? 
_refine.pdbx_solvent_vdw_probe_radii             ? 
_refine.pdbx_solvent_ion_probe_radii             ? 
_refine.pdbx_solvent_shrinkage_radii             ? 
_refine.overall_SU_R_Cruickshank_DPI             ? 
_refine.overall_SU_R_free                        ? 
_refine.overall_SU_ML                            ? 
_refine.overall_SU_B                             ? 
_refine.pdbx_overall_ESU_R_Free                  ? 
_refine.pdbx_data_cutoff_high_rms_absF           ? 
_refine.pdbx_overall_ESU_R                       ? 
_refine.ls_wR_factor_R_free                      ? 
_refine.ls_wR_factor_R_work                      ? 
_refine.overall_FOM_free_R_set                   ? 
_refine.overall_FOM_work_R_set                   ? 
_refine.pdbx_refine_id                           'X-RAY DIFFRACTION' 
_refine.pdbx_diffrn_id                           1 
_refine.pdbx_TLS_residual_ADP_flag               ? 
_refine.pdbx_overall_phase_error                 ? 
_refine.pdbx_overall_SU_R_free_Cruickshank_DPI   ? 
_refine.pdbx_overall_SU_R_Blow_DPI               ? 
_refine.pdbx_overall_SU_R_free_Blow_DPI          ? 
# 
_refine_hist.pdbx_refine_id                   'X-RAY DIFFRACTION' 
_refine_hist.cycle_id                         LAST 
_refine_hist.pdbx_number_atoms_protein        704 
_refine_hist.pdbx_number_atoms_nucleic_acid   0 
_refine_hist.pdbx_number_atoms_ligand         0 
_refine_hist.number_atoms_solvent             0 
_refine_hist.number_atoms_total               704 
_refine_hist.d_res_high                       2.0 
_refine_hist.d_res_low                        30 
# 
_struct.entry_id                  2O71 
_struct.title                     'Crystal structure of RAIDD DD' 
_struct.pdbx_model_details        ? 
_struct.pdbx_CASP_flag            N 
_struct.pdbx_model_type_details   ? 
# 
_struct_keywords.entry_id        2O71 
_struct_keywords.pdbx_keywords   APOPTOSIS 
_struct_keywords.text            'RAIDD, Death Domain, APOPTOSIS' 
# 
_struct_asym.id                            A 
_struct_asym.pdbx_blank_PDB_chainid_flag   N 
_struct_asym.pdbx_modified                 N 
_struct_asym.entity_id                     1 
_struct_asym.details                       ? 
# 
_struct_ref.id                         1 
_struct_ref.db_name                    UNP 
_struct_ref.db_code                    CRADD_HUMAN 
_struct_ref.pdbx_db_accession          P78560 
_struct_ref.entity_id                  1 
_struct_ref.pdbx_seq_one_letter_code   
;TDLPAGDRLTGIPSHILNSSPSDRQINQLAQRLGPEWEPMVLSLGLSQTDIYRCKANHPHNVQSQVVEAFIRWRQRFGKQ
ATFQSLHNGLRAVEVDPSLLLHMLE
;
_struct_ref.pdbx_align_begin           95 
_struct_ref.pdbx_db_isoform            ? 
# 
_struct_ref_seq.align_id                      1 
_struct_ref_seq.ref_id                        1 
_struct_ref_seq.pdbx_PDB_id_code              2O71 
_struct_ref_seq.pdbx_strand_id                A 
_struct_ref_seq.seq_align_beg                 2 
_struct_ref_seq.pdbx_seq_align_beg_ins_code   ? 
_struct_ref_seq.seq_align_end                 106 
_struct_ref_seq.pdbx_seq_align_end_ins_code   ? 
_struct_ref_seq.pdbx_db_accession             P78560 
_struct_ref_seq.db_align_beg                  95 
_struct_ref_seq.pdbx_db_align_beg_ins_code    ? 
_struct_ref_seq.db_align_end                  199 
_struct_ref_seq.pdbx_db_align_end_ins_code    ? 
_struct_ref_seq.pdbx_auth_seq_align_beg       95 
_struct_ref_seq.pdbx_auth_seq_align_end       199 
# 
loop_
_struct_ref_seq_dif.align_id 
_struct_ref_seq_dif.pdbx_pdb_id_code 
_struct_ref_seq_dif.mon_id 
_struct_ref_seq_dif.pdbx_pdb_strand_id 
_struct_ref_seq_dif.seq_num 
_struct_ref_seq_dif.pdbx_pdb_ins_code 
_struct_ref_seq_dif.pdbx_seq_db_name 
_struct_ref_seq_dif.pdbx_seq_db_accession_code 
_struct_ref_seq_dif.db_mon_id 
_struct_ref_seq_dif.pdbx_seq_db_seq_num 
_struct_ref_seq_dif.details 
_struct_ref_seq_dif.pdbx_auth_seq_num 
_struct_ref_seq_dif.pdbx_ordinal 
1 2O71 MET A 1   ? UNP P78560 ? ? 'initiating methionine' 94  1  
1 2O71 GLU A 107 ? UNP P78560 ? ? 'cloning artifact'      200 2  
1 2O71 LEU A 108 ? UNP P78560 ? ? 'cloning artifact'      201 3  
1 2O71 GLU A 109 ? UNP P78560 ? ? 'cloning artifact'      202 4  
1 2O71 HIS A 110 ? UNP P78560 ? ? 'expression tag'        203 5  
1 2O71 HIS A 111 ? UNP P78560 ? ? 'expression tag'        204 6  
1 2O71 HIS A 112 ? UNP P78560 ? ? 'expression tag'        205 7  
1 2O71 HIS A 113 ? UNP P78560 ? ? 'expression tag'        206 8  
1 2O71 HIS A 114 ? UNP P78560 ? ? 'expression tag'        207 9  
1 2O71 HIS A 115 ? UNP P78560 ? ? 'expression tag'        208 10 
# 
_pdbx_struct_assembly.id                   1 
_pdbx_struct_assembly.details              author_defined_assembly 
_pdbx_struct_assembly.method_details       ? 
_pdbx_struct_assembly.oligomeric_details   monomeric 
_pdbx_struct_assembly.oligomeric_count     1 
# 
_pdbx_struct_assembly_gen.assembly_id       1 
_pdbx_struct_assembly_gen.oper_expression   1 
_pdbx_struct_assembly_gen.asym_id_list      A 
# 
_pdbx_struct_oper_list.id                   1 
_pdbx_struct_oper_list.type                 'identity operation' 
_pdbx_struct_oper_list.name                 1_555 
_pdbx_struct_oper_list.symmetry_operation   x,y,z 
_pdbx_struct_oper_list.matrix[1][1]         1.0000000000 
_pdbx_struct_oper_list.matrix[1][2]         0.0000000000 
_pdbx_struct_oper_list.matrix[1][3]         0.0000000000 
_pdbx_struct_oper_list.vector[1]            0.0000000000 
_pdbx_struct_oper_list.matrix[2][1]         0.0000000000 
_pdbx_struct_oper_list.matrix[2][2]         1.0000000000 
_pdbx_struct_oper_list.matrix[2][3]         0.0000000000 
_pdbx_struct_oper_list.vector[2]            0.0000000000 
_pdbx_struct_oper_list.matrix[3][1]         0.0000000000 
_pdbx_struct_oper_list.matrix[3][2]         0.0000000000 
_pdbx_struct_oper_list.matrix[3][3]         1.0000000000 
_pdbx_struct_oper_list.vector[3]            0.0000000000 
# 
_struct_biol.id                    1 
_struct_biol.details               ? 
_struct_biol.pdbx_parent_biol_id   ? 
# 
loop_
_struct_conf.conf_type_id 
_struct_conf.id 
_struct_conf.pdbx_PDB_helix_id 
_struct_conf.beg_label_comp_id 
_struct_conf.beg_label_asym_id 
_struct_conf.beg_label_seq_id 
_struct_conf.pdbx_beg_PDB_ins_code 
_struct_conf.end_label_comp_id 
_struct_conf.end_label_asym_id 
_struct_conf.end_label_seq_id 
_struct_conf.pdbx_end_PDB_ins_code 
_struct_conf.beg_auth_comp_id 
_struct_conf.beg_auth_asym_id 
_struct_conf.beg_auth_seq_id 
_struct_conf.end_auth_comp_id 
_struct_conf.end_auth_asym_id 
_struct_conf.end_auth_seq_id 
_struct_conf.pdbx_PDB_helix_class 
_struct_conf.details 
_struct_conf.pdbx_PDB_helix_length 
HELX_P HELX_P1 1 HIS A 16 ? SER A 20  ? HIS A 109 SER A 113 5 ? 5  
HELX_P HELX_P2 2 SER A 23 ? LEU A 34  ? SER A 116 LEU A 127 1 ? 12 
HELX_P HELX_P3 3 GLU A 37 ? LEU A 45  ? GLU A 130 LEU A 138 1 ? 9  
HELX_P HELX_P4 4 SER A 48 ? HIS A 59  ? SER A 141 HIS A 152 1 ? 12 
HELX_P HELX_P5 5 ASN A 62 ? GLY A 79  ? ASN A 155 GLY A 172 1 ? 18 
HELX_P HELX_P6 6 LYS A 80 ? ALA A 82  ? LYS A 173 ALA A 175 5 ? 3  
HELX_P HELX_P7 7 THR A 83 ? VAL A 94  ? THR A 176 VAL A 187 1 ? 12 
HELX_P HELX_P8 8 PRO A 98 ? LEU A 105 ? PRO A 191 LEU A 198 1 ? 8  
# 
_struct_conf_type.id          HELX_P 
_struct_conf_type.criteria    ? 
_struct_conf_type.reference   ? 
# 
_pdbx_validate_torsion.id              1 
_pdbx_validate_torsion.PDB_model_num   1 
_pdbx_validate_torsion.auth_comp_id    VAL 
_pdbx_validate_torsion.auth_asym_id    A 
_pdbx_validate_torsion.auth_seq_id     187 
_pdbx_validate_torsion.PDB_ins_code    ? 
_pdbx_validate_torsion.label_alt_id    ? 
_pdbx_validate_torsion.phi             -99.87 
_pdbx_validate_torsion.psi             30.48 
# 
loop_
_pdbx_unobs_or_zero_occ_residues.id 
_pdbx_unobs_or_zero_occ_residues.PDB_model_num 
_pdbx_unobs_or_zero_occ_residues.polymer_flag 
_pdbx_unobs_or_zero_occ_residues.occupancy_flag 
_pdbx_unobs_or_zero_occ_residues.auth_asym_id 
_pdbx_unobs_or_zero_occ_residues.auth_comp_id 
_pdbx_unobs_or_zero_occ_residues.auth_seq_id 
_pdbx_unobs_or_zero_occ_residues.PDB_ins_code 
_pdbx_unobs_or_zero_occ_residues.label_asym_id 
_pdbx_unobs_or_zero_occ_residues.label_comp_id 
_pdbx_unobs_or_zero_occ_residues.label_seq_id 
1  1 Y 1 A MET 94  ? A MET 1   
2  1 Y 1 A THR 95  ? A THR 2   
3  1 Y 1 A ASP 96  ? A ASP 3   
4  1 Y 1 A LEU 97  ? A LEU 4   
5  1 Y 1 A PRO 98  ? A PRO 5   
6  1 Y 1 A ALA 99  ? A ALA 6   
7  1 Y 1 A GLY 100 ? A GLY 7   
8  1 Y 1 A ASP 101 ? A ASP 8   
9  1 Y 1 A ARG 102 ? A ARG 9   
10 1 Y 1 A LEU 103 ? A LEU 10  
11 1 Y 1 A THR 104 ? A THR 11  
12 1 Y 1 A GLY 105 ? A GLY 12  
13 1 Y 1 A ILE 106 ? A ILE 13  
14 1 Y 1 A PRO 107 ? A PRO 14  
15 1 Y 1 A SER 108 ? A SER 15  
16 1 Y 1 A GLU 200 ? A GLU 107 
17 1 Y 1 A LEU 201 ? A LEU 108 
18 1 Y 1 A GLU 202 ? A GLU 109 
19 1 Y 1 A HIS 203 ? A HIS 110 
20 1 Y 1 A HIS 204 ? A HIS 111 
21 1 Y 1 A HIS 205 ? A HIS 112 
22 1 Y 1 A HIS 206 ? A HIS 113 
23 1 Y 1 A HIS 207 ? A HIS 114 
24 1 Y 1 A HIS 208 ? A HIS 115 
# 
loop_
_chem_comp_atom.comp_id 
_chem_comp_atom.atom_id 
_chem_comp_atom.type_symbol 
_chem_comp_atom.pdbx_aromatic_flag 
_chem_comp_atom.pdbx_stereo_config 
_chem_comp_atom.pdbx_ordinal 
ALA N    N N N 1   
ALA CA   C N S 2   
ALA C    C N N 3   
ALA O    O N N 4   
ALA CB   C N N 5   
ALA OXT  O N N 6   
ALA H    H N N 7   
ALA H2   H N N 8   
ALA HA   H N N 9   
ALA HB1  H N N 10  
ALA HB2  H N N 11  
ALA HB3  H N N 12  
ALA HXT  H N N 13  
ARG N    N N N 14  
ARG CA   C N S 15  
ARG C    C N N 16  
ARG O    O N N 17  
ARG CB   C N N 18  
ARG CG   C N N 19  
ARG CD   C N N 20  
ARG NE   N N N 21  
ARG CZ   C N N 22  
ARG NH1  N N N 23  
ARG NH2  N N N 24  
ARG OXT  O N N 25  
ARG H    H N N 26  
ARG H2   H N N 27  
ARG HA   H N N 28  
ARG HB2  H N N 29  
ARG HB3  H N N 30  
ARG HG2  H N N 31  
ARG HG3  H N N 32  
ARG HD2  H N N 33  
ARG HD3  H N N 34  
ARG HE   H N N 35  
ARG HH11 H N N 36  
ARG HH12 H N N 37  
ARG HH21 H N N 38  
ARG HH22 H N N 39  
ARG HXT  H N N 40  
ASN N    N N N 41  
ASN CA   C N S 42  
ASN C    C N N 43  
ASN O    O N N 44  
ASN CB   C N N 45  
ASN CG   C N N 46  
ASN OD1  O N N 47  
ASN ND2  N N N 48  
ASN OXT  O N N 49  
ASN H    H N N 50  
ASN H2   H N N 51  
ASN HA   H N N 52  
ASN HB2  H N N 53  
ASN HB3  H N N 54  
ASN HD21 H N N 55  
ASN HD22 H N N 56  
ASN HXT  H N N 57  
ASP N    N N N 58  
ASP CA   C N S 59  
ASP C    C N N 60  
ASP O    O N N 61  
ASP CB   C N N 62  
ASP CG   C N N 63  
ASP OD1  O N N 64  
ASP OD2  O N N 65  
ASP OXT  O N N 66  
ASP H    H N N 67  
ASP H2   H N N 68  
ASP HA   H N N 69  
ASP HB2  H N N 70  
ASP HB3  H N N 71  
ASP HD2  H N N 72  
ASP HXT  H N N 73  
CYS N    N N N 74  
CYS CA   C N R 75  
CYS C    C N N 76  
CYS O    O N N 77  
CYS CB   C N N 78  
CYS SG   S N N 79  
CYS OXT  O N N 80  
CYS H    H N N 81  
CYS H2   H N N 82  
CYS HA   H N N 83  
CYS HB2  H N N 84  
CYS HB3  H N N 85  
CYS HG   H N N 86  
CYS HXT  H N N 87  
GLN N    N N N 88  
GLN CA   C N S 89  
GLN C    C N N 90  
GLN O    O N N 91  
GLN CB   C N N 92  
GLN CG   C N N 93  
GLN CD   C N N 94  
GLN OE1  O N N 95  
GLN NE2  N N N 96  
GLN OXT  O N N 97  
GLN H    H N N 98  
GLN H2   H N N 99  
GLN HA   H N N 100 
GLN HB2  H N N 101 
GLN HB3  H N N 102 
GLN HG2  H N N 103 
GLN HG3  H N N 104 
GLN HE21 H N N 105 
GLN HE22 H N N 106 
GLN HXT  H N N 107 
GLU N    N N N 108 
GLU CA   C N S 109 
GLU C    C N N 110 
GLU O    O N N 111 
GLU CB   C N N 112 
GLU CG   C N N 113 
GLU CD   C N N 114 
GLU OE1  O N N 115 
GLU OE2  O N N 116 
GLU OXT  O N N 117 
GLU H    H N N 118 
GLU H2   H N N 119 
GLU HA   H N N 120 
GLU HB2  H N N 121 
GLU HB3  H N N 122 
GLU HG2  H N N 123 
GLU HG3  H N N 124 
GLU HE2  H N N 125 
GLU HXT  H N N 126 
GLY N    N N N 127 
GLY CA   C N N 128 
GLY C    C N N 129 
GLY O    O N N 130 
GLY OXT  O N N 131 
GLY H    H N N 132 
GLY H2   H N N 133 
GLY HA2  H N N 134 
GLY HA3  H N N 135 
GLY HXT  H N N 136 
HIS N    N N N 137 
HIS CA   C N S 138 
HIS C    C N N 139 
HIS O    O N N 140 
HIS CB   C N N 141 
HIS CG   C Y N 142 
HIS ND1  N Y N 143 
HIS CD2  C Y N 144 
HIS CE1  C Y N 145 
HIS NE2  N Y N 146 
HIS OXT  O N N 147 
HIS H    H N N 148 
HIS H2   H N N 149 
HIS HA   H N N 150 
HIS HB2  H N N 151 
HIS HB3  H N N 152 
HIS HD1  H N N 153 
HIS HD2  H N N 154 
HIS HE1  H N N 155 
HIS HE2  H N N 156 
HIS HXT  H N N 157 
ILE N    N N N 158 
ILE CA   C N S 159 
ILE C    C N N 160 
ILE O    O N N 161 
ILE CB   C N S 162 
ILE CG1  C N N 163 
ILE CG2  C N N 164 
ILE CD1  C N N 165 
ILE OXT  O N N 166 
ILE H    H N N 167 
ILE H2   H N N 168 
ILE HA   H N N 169 
ILE HB   H N N 170 
ILE HG12 H N N 171 
ILE HG13 H N N 172 
ILE HG21 H N N 173 
ILE HG22 H N N 174 
ILE HG23 H N N 175 
ILE HD11 H N N 176 
ILE HD12 H N N 177 
ILE HD13 H N N 178 
ILE HXT  H N N 179 
LEU N    N N N 180 
LEU CA   C N S 181 
LEU C    C N N 182 
LEU O    O N N 183 
LEU CB   C N N 184 
LEU CG   C N N 185 
LEU CD1  C N N 186 
LEU CD2  C N N 187 
LEU OXT  O N N 188 
LEU H    H N N 189 
LEU H2   H N N 190 
LEU HA   H N N 191 
LEU HB2  H N N 192 
LEU HB3  H N N 193 
LEU HG   H N N 194 
LEU HD11 H N N 195 
LEU HD12 H N N 196 
LEU HD13 H N N 197 
LEU HD21 H N N 198 
LEU HD22 H N N 199 
LEU HD23 H N N 200 
LEU HXT  H N N 201 
LYS N    N N N 202 
LYS CA   C N S 203 
LYS C    C N N 204 
LYS O    O N N 205 
LYS CB   C N N 206 
LYS CG   C N N 207 
LYS CD   C N N 208 
LYS CE   C N N 209 
LYS NZ   N N N 210 
LYS OXT  O N N 211 
LYS H    H N N 212 
LYS H2   H N N 213 
LYS HA   H N N 214 
LYS HB2  H N N 215 
LYS HB3  H N N 216 
LYS HG2  H N N 217 
LYS HG3  H N N 218 
LYS HD2  H N N 219 
LYS HD3  H N N 220 
LYS HE2  H N N 221 
LYS HE3  H N N 222 
LYS HZ1  H N N 223 
LYS HZ2  H N N 224 
LYS HZ3  H N N 225 
LYS HXT  H N N 226 
MET N    N N N 227 
MET CA   C N S 228 
MET C    C N N 229 
MET O    O N N 230 
MET CB   C N N 231 
MET CG   C N N 232 
MET SD   S N N 233 
MET CE   C N N 234 
MET OXT  O N N 235 
MET H    H N N 236 
MET H2   H N N 237 
MET HA   H N N 238 
MET HB2  H N N 239 
MET HB3  H N N 240 
MET HG2  H N N 241 
MET HG3  H N N 242 
MET HE1  H N N 243 
MET HE2  H N N 244 
MET HE3  H N N 245 
MET HXT  H N N 246 
PHE N    N N N 247 
PHE CA   C N S 248 
PHE C    C N N 249 
PHE O    O N N 250 
PHE CB   C N N 251 
PHE CG   C Y N 252 
PHE CD1  C Y N 253 
PHE CD2  C Y N 254 
PHE CE1  C Y N 255 
PHE CE2  C Y N 256 
PHE CZ   C Y N 257 
PHE OXT  O N N 258 
PHE H    H N N 259 
PHE H2   H N N 260 
PHE HA   H N N 261 
PHE HB2  H N N 262 
PHE HB3  H N N 263 
PHE HD1  H N N 264 
PHE HD2  H N N 265 
PHE HE1  H N N 266 
PHE HE2  H N N 267 
PHE HZ   H N N 268 
PHE HXT  H N N 269 
PRO N    N N N 270 
PRO CA   C N S 271 
PRO C    C N N 272 
PRO O    O N N 273 
PRO CB   C N N 274 
PRO CG   C N N 275 
PRO CD   C N N 276 
PRO OXT  O N N 277 
PRO H    H N N 278 
PRO HA   H N N 279 
PRO HB2  H N N 280 
PRO HB3  H N N 281 
PRO HG2  H N N 282 
PRO HG3  H N N 283 
PRO HD2  H N N 284 
PRO HD3  H N N 285 
PRO HXT  H N N 286 
SER N    N N N 287 
SER CA   C N S 288 
SER C    C N N 289 
SER O    O N N 290 
SER CB   C N N 291 
SER OG   O N N 292 
SER OXT  O N N 293 
SER H    H N N 294 
SER H2   H N N 295 
SER HA   H N N 296 
SER HB2  H N N 297 
SER HB3  H N N 298 
SER HG   H N N 299 
SER HXT  H N N 300 
THR N    N N N 301 
THR CA   C N S 302 
THR C    C N N 303 
THR O    O N N 304 
THR CB   C N R 305 
THR OG1  O N N 306 
THR CG2  C N N 307 
THR OXT  O N N 308 
THR H    H N N 309 
THR H2   H N N 310 
THR HA   H N N 311 
THR HB   H N N 312 
THR HG1  H N N 313 
THR HG21 H N N 314 
THR HG22 H N N 315 
THR HG23 H N N 316 
THR HXT  H N N 317 
TRP N    N N N 318 
TRP CA   C N S 319 
TRP C    C N N 320 
TRP O    O N N 321 
TRP CB   C N N 322 
TRP CG   C Y N 323 
TRP CD1  C Y N 324 
TRP CD2  C Y N 325 
TRP NE1  N Y N 326 
TRP CE2  C Y N 327 
TRP CE3  C Y N 328 
TRP CZ2  C Y N 329 
TRP CZ3  C Y N 330 
TRP CH2  C Y N 331 
TRP OXT  O N N 332 
TRP H    H N N 333 
TRP H2   H N N 334 
TRP HA   H N N 335 
TRP HB2  H N N 336 
TRP HB3  H N N 337 
TRP HD1  H N N 338 
TRP HE1  H N N 339 
TRP HE3  H N N 340 
TRP HZ2  H N N 341 
TRP HZ3  H N N 342 
TRP HH2  H N N 343 
TRP HXT  H N N 344 
TYR N    N N N 345 
TYR CA   C N S 346 
TYR C    C N N 347 
TYR O    O N N 348 
TYR CB   C N N 349 
TYR CG   C Y N 350 
TYR CD1  C Y N 351 
TYR CD2  C Y N 352 
TYR CE1  C Y N 353 
TYR CE2  C Y N 354 
TYR CZ   C Y N 355 
TYR OH   O N N 356 
TYR OXT  O N N 357 
TYR H    H N N 358 
TYR H2   H N N 359 
TYR HA   H N N 360 
TYR HB2  H N N 361 
TYR HB3  H N N 362 
TYR HD1  H N N 363 
TYR HD2  H N N 364 
TYR HE1  H N N 365 
TYR HE2  H N N 366 
TYR HH   H N N 367 
TYR HXT  H N N 368 
VAL N    N N N 369 
VAL CA   C N S 370 
VAL C    C N N 371 
VAL O    O N N 372 
VAL CB   C N N 373 
VAL CG1  C N N 374 
VAL CG2  C N N 375 
VAL OXT  O N N 376 
VAL H    H N N 377 
VAL H2   H N N 378 
VAL HA   H N N 379 
VAL HB   H N N 380 
VAL HG11 H N N 381 
VAL HG12 H N N 382 
VAL HG13 H N N 383 
VAL HG21 H N N 384 
VAL HG22 H N N 385 
VAL HG23 H N N 386 
VAL HXT  H N N 387 
# 
loop_
_chem_comp_bond.comp_id 
_chem_comp_bond.atom_id_1 
_chem_comp_bond.atom_id_2 
_chem_comp_bond.value_order 
_chem_comp_bond.pdbx_aromatic_flag 
_chem_comp_bond.pdbx_stereo_config 
_chem_comp_bond.pdbx_ordinal 
ALA N   CA   sing N N 1   
ALA N   H    sing N N 2   
ALA N   H2   sing N N 3   
ALA CA  C    sing N N 4   
ALA CA  CB   sing N N 5   
ALA CA  HA   sing N N 6   
ALA C   O    doub N N 7   
ALA C   OXT  sing N N 8   
ALA CB  HB1  sing N N 9   
ALA CB  HB2  sing N N 10  
ALA CB  HB3  sing N N 11  
ALA OXT HXT  sing N N 12  
ARG N   CA   sing N N 13  
ARG N   H    sing N N 14  
ARG N   H2   sing N N 15  
ARG CA  C    sing N N 16  
ARG CA  CB   sing N N 17  
ARG CA  HA   sing N N 18  
ARG C   O    doub N N 19  
ARG C   OXT  sing N N 20  
ARG CB  CG   sing N N 21  
ARG CB  HB2  sing N N 22  
ARG CB  HB3  sing N N 23  
ARG CG  CD   sing N N 24  
ARG CG  HG2  sing N N 25  
ARG CG  HG3  sing N N 26  
ARG CD  NE   sing N N 27  
ARG CD  HD2  sing N N 28  
ARG CD  HD3  sing N N 29  
ARG NE  CZ   sing N N 30  
ARG NE  HE   sing N N 31  
ARG CZ  NH1  sing N N 32  
ARG CZ  NH2  doub N N 33  
ARG NH1 HH11 sing N N 34  
ARG NH1 HH12 sing N N 35  
ARG NH2 HH21 sing N N 36  
ARG NH2 HH22 sing N N 37  
ARG OXT HXT  sing N N 38  
ASN N   CA   sing N N 39  
ASN N   H    sing N N 40  
ASN N   H2   sing N N 41  
ASN CA  C    sing N N 42  
ASN CA  CB   sing N N 43  
ASN CA  HA   sing N N 44  
ASN C   O    doub N N 45  
ASN C   OXT  sing N N 46  
ASN CB  CG   sing N N 47  
ASN CB  HB2  sing N N 48  
ASN CB  HB3  sing N N 49  
ASN CG  OD1  doub N N 50  
ASN CG  ND2  sing N N 51  
ASN ND2 HD21 sing N N 52  
ASN ND2 HD22 sing N N 53  
ASN OXT HXT  sing N N 54  
ASP N   CA   sing N N 55  
ASP N   H    sing N N 56  
ASP N   H2   sing N N 57  
ASP CA  C    sing N N 58  
ASP CA  CB   sing N N 59  
ASP CA  HA   sing N N 60  
ASP C   O    doub N N 61  
ASP C   OXT  sing N N 62  
ASP CB  CG   sing N N 63  
ASP CB  HB2  sing N N 64  
ASP CB  HB3  sing N N 65  
ASP CG  OD1  doub N N 66  
ASP CG  OD2  sing N N 67  
ASP OD2 HD2  sing N N 68  
ASP OXT HXT  sing N N 69  
CYS N   CA   sing N N 70  
CYS N   H    sing N N 71  
CYS N   H2   sing N N 72  
CYS CA  C    sing N N 73  
CYS CA  CB   sing N N 74  
CYS CA  HA   sing N N 75  
CYS C   O    doub N N 76  
CYS C   OXT  sing N N 77  
CYS CB  SG   sing N N 78  
CYS CB  HB2  sing N N 79  
CYS CB  HB3  sing N N 80  
CYS SG  HG   sing N N 81  
CYS OXT HXT  sing N N 82  
GLN N   CA   sing N N 83  
GLN N   H    sing N N 84  
GLN N   H2   sing N N 85  
GLN CA  C    sing N N 86  
GLN CA  CB   sing N N 87  
GLN CA  HA   sing N N 88  
GLN C   O    doub N N 89  
GLN C   OXT  sing N N 90  
GLN CB  CG   sing N N 91  
GLN CB  HB2  sing N N 92  
GLN CB  HB3  sing N N 93  
GLN CG  CD   sing N N 94  
GLN CG  HG2  sing N N 95  
GLN CG  HG3  sing N N 96  
GLN CD  OE1  doub N N 97  
GLN CD  NE2  sing N N 98  
GLN NE2 HE21 sing N N 99  
GLN NE2 HE22 sing N N 100 
GLN OXT HXT  sing N N 101 
GLU N   CA   sing N N 102 
GLU N   H    sing N N 103 
GLU N   H2   sing N N 104 
GLU CA  C    sing N N 105 
GLU CA  CB   sing N N 106 
GLU CA  HA   sing N N 107 
GLU C   O    doub N N 108 
GLU C   OXT  sing N N 109 
GLU CB  CG   sing N N 110 
GLU CB  HB2  sing N N 111 
GLU CB  HB3  sing N N 112 
GLU CG  CD   sing N N 113 
GLU CG  HG2  sing N N 114 
GLU CG  HG3  sing N N 115 
GLU CD  OE1  doub N N 116 
GLU CD  OE2  sing N N 117 
GLU OE2 HE2  sing N N 118 
GLU OXT HXT  sing N N 119 
GLY N   CA   sing N N 120 
GLY N   H    sing N N 121 
GLY N   H2   sing N N 122 
GLY CA  C    sing N N 123 
GLY CA  HA2  sing N N 124 
GLY CA  HA3  sing N N 125 
GLY C   O    doub N N 126 
GLY C   OXT  sing N N 127 
GLY OXT HXT  sing N N 128 
HIS N   CA   sing N N 129 
HIS N   H    sing N N 130 
HIS N   H2   sing N N 131 
HIS CA  C    sing N N 132 
HIS CA  CB   sing N N 133 
HIS CA  HA   sing N N 134 
HIS C   O    doub N N 135 
HIS C   OXT  sing N N 136 
HIS CB  CG   sing N N 137 
HIS CB  HB2  sing N N 138 
HIS CB  HB3  sing N N 139 
HIS CG  ND1  sing Y N 140 
HIS CG  CD2  doub Y N 141 
HIS ND1 CE1  doub Y N 142 
HIS ND1 HD1  sing N N 143 
HIS CD2 NE2  sing Y N 144 
HIS CD2 HD2  sing N N 145 
HIS CE1 NE2  sing Y N 146 
HIS CE1 HE1  sing N N 147 
HIS NE2 HE2  sing N N 148 
HIS OXT HXT  sing N N 149 
ILE N   CA   sing N N 150 
ILE N   H    sing N N 151 
ILE N   H2   sing N N 152 
ILE CA  C    sing N N 153 
ILE CA  CB   sing N N 154 
ILE CA  HA   sing N N 155 
ILE C   O    doub N N 156 
ILE C   OXT  sing N N 157 
ILE CB  CG1  sing N N 158 
ILE CB  CG2  sing N N 159 
ILE CB  HB   sing N N 160 
ILE CG1 CD1  sing N N 161 
ILE CG1 HG12 sing N N 162 
ILE CG1 HG13 sing N N 163 
ILE CG2 HG21 sing N N 164 
ILE CG2 HG22 sing N N 165 
ILE CG2 HG23 sing N N 166 
ILE CD1 HD11 sing N N 167 
ILE CD1 HD12 sing N N 168 
ILE CD1 HD13 sing N N 169 
ILE OXT HXT  sing N N 170 
LEU N   CA   sing N N 171 
LEU N   H    sing N N 172 
LEU N   H2   sing N N 173 
LEU CA  C    sing N N 174 
LEU CA  CB   sing N N 175 
LEU CA  HA   sing N N 176 
LEU C   O    doub N N 177 
LEU C   OXT  sing N N 178 
LEU CB  CG   sing N N 179 
LEU CB  HB2  sing N N 180 
LEU CB  HB3  sing N N 181 
LEU CG  CD1  sing N N 182 
LEU CG  CD2  sing N N 183 
LEU CG  HG   sing N N 184 
LEU CD1 HD11 sing N N 185 
LEU CD1 HD12 sing N N 186 
LEU CD1 HD13 sing N N 187 
LEU CD2 HD21 sing N N 188 
LEU CD2 HD22 sing N N 189 
LEU CD2 HD23 sing N N 190 
LEU OXT HXT  sing N N 191 
LYS N   CA   sing N N 192 
LYS N   H    sing N N 193 
LYS N   H2   sing N N 194 
LYS CA  C    sing N N 195 
LYS CA  CB   sing N N 196 
LYS CA  HA   sing N N 197 
LYS C   O    doub N N 198 
LYS C   OXT  sing N N 199 
LYS CB  CG   sing N N 200 
LYS CB  HB2  sing N N 201 
LYS CB  HB3  sing N N 202 
LYS CG  CD   sing N N 203 
LYS CG  HG2  sing N N 204 
LYS CG  HG3  sing N N 205 
LYS CD  CE   sing N N 206 
LYS CD  HD2  sing N N 207 
LYS CD  HD3  sing N N 208 
LYS CE  NZ   sing N N 209 
LYS CE  HE2  sing N N 210 
LYS CE  HE3  sing N N 211 
LYS NZ  HZ1  sing N N 212 
LYS NZ  HZ2  sing N N 213 
LYS NZ  HZ3  sing N N 214 
LYS OXT HXT  sing N N 215 
MET N   CA   sing N N 216 
MET N   H    sing N N 217 
MET N   H2   sing N N 218 
MET CA  C    sing N N 219 
MET CA  CB   sing N N 220 
MET CA  HA   sing N N 221 
MET C   O    doub N N 222 
MET C   OXT  sing N N 223 
MET CB  CG   sing N N 224 
MET CB  HB2  sing N N 225 
MET CB  HB3  sing N N 226 
MET CG  SD   sing N N 227 
MET CG  HG2  sing N N 228 
MET CG  HG3  sing N N 229 
MET SD  CE   sing N N 230 
MET CE  HE1  sing N N 231 
MET CE  HE2  sing N N 232 
MET CE  HE3  sing N N 233 
MET OXT HXT  sing N N 234 
PHE N   CA   sing N N 235 
PHE N   H    sing N N 236 
PHE N   H2   sing N N 237 
PHE CA  C    sing N N 238 
PHE CA  CB   sing N N 239 
PHE CA  HA   sing N N 240 
PHE C   O    doub N N 241 
PHE C   OXT  sing N N 242 
PHE CB  CG   sing N N 243 
PHE CB  HB2  sing N N 244 
PHE CB  HB3  sing N N 245 
PHE CG  CD1  doub Y N 246 
PHE CG  CD2  sing Y N 247 
PHE CD1 CE1  sing Y N 248 
PHE CD1 HD1  sing N N 249 
PHE CD2 CE2  doub Y N 250 
PHE CD2 HD2  sing N N 251 
PHE CE1 CZ   doub Y N 252 
PHE CE1 HE1  sing N N 253 
PHE CE2 CZ   sing Y N 254 
PHE CE2 HE2  sing N N 255 
PHE CZ  HZ   sing N N 256 
PHE OXT HXT  sing N N 257 
PRO N   CA   sing N N 258 
PRO N   CD   sing N N 259 
PRO N   H    sing N N 260 
PRO CA  C    sing N N 261 
PRO CA  CB   sing N N 262 
PRO CA  HA   sing N N 263 
PRO C   O    doub N N 264 
PRO C   OXT  sing N N 265 
PRO CB  CG   sing N N 266 
PRO CB  HB2  sing N N 267 
PRO CB  HB3  sing N N 268 
PRO CG  CD   sing N N 269 
PRO CG  HG2  sing N N 270 
PRO CG  HG3  sing N N 271 
PRO CD  HD2  sing N N 272 
PRO CD  HD3  sing N N 273 
PRO OXT HXT  sing N N 274 
SER N   CA   sing N N 275 
SER N   H    sing N N 276 
SER N   H2   sing N N 277 
SER CA  C    sing N N 278 
SER CA  CB   sing N N 279 
SER CA  HA   sing N N 280 
SER C   O    doub N N 281 
SER C   OXT  sing N N 282 
SER CB  OG   sing N N 283 
SER CB  HB2  sing N N 284 
SER CB  HB3  sing N N 285 
SER OG  HG   sing N N 286 
SER OXT HXT  sing N N 287 
THR N   CA   sing N N 288 
THR N   H    sing N N 289 
THR N   H2   sing N N 290 
THR CA  C    sing N N 291 
THR CA  CB   sing N N 292 
THR CA  HA   sing N N 293 
THR C   O    doub N N 294 
THR C   OXT  sing N N 295 
THR CB  OG1  sing N N 296 
THR CB  CG2  sing N N 297 
THR CB  HB   sing N N 298 
THR OG1 HG1  sing N N 299 
THR CG2 HG21 sing N N 300 
THR CG2 HG22 sing N N 301 
THR CG2 HG23 sing N N 302 
THR OXT HXT  sing N N 303 
TRP N   CA   sing N N 304 
TRP N   H    sing N N 305 
TRP N   H2   sing N N 306 
TRP CA  C    sing N N 307 
TRP CA  CB   sing N N 308 
TRP CA  HA   sing N N 309 
TRP C   O    doub N N 310 
TRP C   OXT  sing N N 311 
TRP CB  CG   sing N N 312 
TRP CB  HB2  sing N N 313 
TRP CB  HB3  sing N N 314 
TRP CG  CD1  doub Y N 315 
TRP CG  CD2  sing Y N 316 
TRP CD1 NE1  sing Y N 317 
TRP CD1 HD1  sing N N 318 
TRP CD2 CE2  doub Y N 319 
TRP CD2 CE3  sing Y N 320 
TRP NE1 CE2  sing Y N 321 
TRP NE1 HE1  sing N N 322 
TRP CE2 CZ2  sing Y N 323 
TRP CE3 CZ3  doub Y N 324 
TRP CE3 HE3  sing N N 325 
TRP CZ2 CH2  doub Y N 326 
TRP CZ2 HZ2  sing N N 327 
TRP CZ3 CH2  sing Y N 328 
TRP CZ3 HZ3  sing N N 329 
TRP CH2 HH2  sing N N 330 
TRP OXT HXT  sing N N 331 
TYR N   CA   sing N N 332 
TYR N   H    sing N N 333 
TYR N   H2   sing N N 334 
TYR CA  C    sing N N 335 
TYR CA  CB   sing N N 336 
TYR CA  HA   sing N N 337 
TYR C   O    doub N N 338 
TYR C   OXT  sing N N 339 
TYR CB  CG   sing N N 340 
TYR CB  HB2  sing N N 341 
TYR CB  HB3  sing N N 342 
TYR CG  CD1  doub Y N 343 
TYR CG  CD2  sing Y N 344 
TYR CD1 CE1  sing Y N 345 
TYR CD1 HD1  sing N N 346 
TYR CD2 CE2  doub Y N 347 
TYR CD2 HD2  sing N N 348 
TYR CE1 CZ   doub Y N 349 
TYR CE1 HE1  sing N N 350 
TYR CE2 CZ   sing Y N 351 
TYR CE2 HE2  sing N N 352 
TYR CZ  OH   sing N N 353 
TYR OH  HH   sing N N 354 
TYR OXT HXT  sing N N 355 
VAL N   CA   sing N N 356 
VAL N   H    sing N N 357 
VAL N   H2   sing N N 358 
VAL CA  C    sing N N 359 
VAL CA  CB   sing N N 360 
VAL CA  HA   sing N N 361 
VAL C   O    doub N N 362 
VAL C   OXT  sing N N 363 
VAL CB  CG1  sing N N 364 
VAL CB  CG2  sing N N 365 
VAL CB  HB   sing N N 366 
VAL CG1 HG11 sing N N 367 
VAL CG1 HG12 sing N N 368 
VAL CG1 HG13 sing N N 369 
VAL CG2 HG21 sing N N 370 
VAL CG2 HG22 sing N N 371 
VAL CG2 HG23 sing N N 372 
VAL OXT HXT  sing N N 373 
# 
_atom_sites.entry_id                    2O71 
_atom_sites.fract_transf_matrix[1][1]   -0.01017363 
_atom_sites.fract_transf_matrix[1][2]   0.01076868 
_atom_sites.fract_transf_matrix[1][3]   0.01431196 
_atom_sites.fract_transf_matrix[2][1]   0.00631212 
_atom_sites.fract_transf_matrix[2][2]   -0.00039031 
_atom_sites.fract_transf_matrix[2][3]   0.01960312 
_atom_sites.fract_transf_matrix[3][1]   0.00908441 
_atom_sites.fract_transf_matrix[3][2]   0.01214857 
_atom_sites.fract_transf_matrix[3][3]   -0.00268325 
_atom_sites.fract_transf_vector[1]      0.457090 
_atom_sites.fract_transf_vector[2]      0.339127 
_atom_sites.fract_transf_vector[3]      0.164103 
# 
loop_
_atom_type.symbol 
C 
N 
O 
S 
# 
loop_
_atom_site.group_PDB 
_atom_site.id 
_atom_site.type_symbol 
_atom_site.label_atom_id 
_atom_site.label_alt_id 
_atom_site.label_comp_id 
_atom_site.label_asym_id 
_atom_site.label_entity_id 
_atom_site.label_seq_id 
_atom_site.pdbx_PDB_ins_code 
_atom_site.Cartn_x 
_atom_site.Cartn_y 
_atom_site.Cartn_z 
_atom_site.occupancy 
_atom_site.B_iso_or_equiv 
_atom_site.pdbx_formal_charge 
_atom_site.auth_seq_id 
_atom_site.auth_comp_id 
_atom_site.auth_asym_id 
_atom_site.auth_atom_id 
_atom_site.pdbx_PDB_model_num 
ATOM 1   N N   . HIS A 1 16  ? 14.601  7.341   -10.400 1.00 53.29 ? 109 HIS A N   1 
ATOM 2   C CA  . HIS A 1 16  ? 13.589  7.054   -11.455 1.00 53.48 ? 109 HIS A CA  1 
ATOM 3   C C   . HIS A 1 16  ? 12.446  6.244   -10.869 1.00 53.27 ? 109 HIS A C   1 
ATOM 4   O O   . HIS A 1 16  ? 11.379  6.782   -10.581 1.00 53.94 ? 109 HIS A O   1 
ATOM 5   C CB  . HIS A 1 16  ? 14.230  6.290   -12.606 1.00 53.71 ? 109 HIS A CB  1 
ATOM 6   N N   . ILE A 1 17  ? 12.680  4.946   -10.692 1.00 52.73 ? 110 ILE A N   1 
ATOM 7   C CA  . ILE A 1 17  ? 11.672  4.048   -10.139 1.00 51.44 ? 110 ILE A CA  1 
ATOM 8   C C   . ILE A 1 17  ? 11.065  4.608   -8.852  1.00 50.06 ? 110 ILE A C   1 
ATOM 9   O O   . ILE A 1 17  ? 9.856   4.508   -8.633  1.00 49.59 ? 110 ILE A O   1 
ATOM 10  C CB  . ILE A 1 17  ? 12.288  2.675   -9.876  1.00 51.40 ? 110 ILE A CB  1 
ATOM 11  N N   . LEU A 1 18  ? 11.904  5.201   -8.007  1.00 48.87 ? 111 LEU A N   1 
ATOM 12  C CA  . LEU A 1 18  ? 11.439  5.765   -6.745  1.00 48.50 ? 111 LEU A CA  1 
ATOM 13  C C   . LEU A 1 18  ? 10.398  6.862   -6.959  1.00 48.99 ? 111 LEU A C   1 
ATOM 14  O O   . LEU A 1 18  ? 9.614   7.174   -6.057  1.00 48.13 ? 111 LEU A O   1 
ATOM 15  C CB  . LEU A 1 18  ? 12.618  6.310   -5.954  1.00 47.29 ? 111 LEU A CB  1 
ATOM 16  N N   . ASN A 1 19  ? 10.387  7.441   -8.154  1.00 48.10 ? 112 ASN A N   1 
ATOM 17  C CA  . ASN A 1 19  ? 9.447   8.508   -8.471  1.00 47.46 ? 112 ASN A CA  1 
ATOM 18  C C   . ASN A 1 19  ? 8.261   8.001   -9.273  1.00 46.06 ? 112 ASN A C   1 
ATOM 19  O O   . ASN A 1 19  ? 7.352   8.764   -9.593  1.00 46.29 ? 112 ASN A O   1 
ATOM 20  C CB  . ASN A 1 19  ? 10.153  9.614   -9.252  1.00 50.35 ? 112 ASN A CB  1 
ATOM 21  C CG  . ASN A 1 19  ? 11.321  10.198  -8.496  1.00 51.95 ? 112 ASN A CG  1 
ATOM 22  O OD1 . ASN A 1 19  ? 11.161  10.710  -7.387  1.00 54.49 ? 112 ASN A OD1 1 
ATOM 23  N ND2 . ASN A 1 19  ? 12.508  10.121  -9.087  1.00 53.93 ? 112 ASN A ND2 1 
ATOM 24  N N   . SER A 1 20  ? 8.272   6.714   -9.598  1.00 43.12 ? 113 SER A N   1 
ATOM 25  C CA  . SER A 1 20  ? 7.185   6.119   -10.364 1.00 42.64 ? 113 SER A CA  1 
ATOM 26  C C   . SER A 1 20  ? 6.135   5.501   -9.436  1.00 41.17 ? 113 SER A C   1 
ATOM 27  O O   . SER A 1 20  ? 6.395   5.272   -8.253  1.00 40.58 ? 113 SER A O   1 
ATOM 28  C CB  . SER A 1 20  ? 7.732   5.047   -11.307 1.00 42.78 ? 113 SER A CB  1 
ATOM 29  O OG  . SER A 1 20  ? 8.328   3.984   -10.583 1.00 43.89 ? 113 SER A OG  1 
ATOM 30  N N   . SER A 1 21  ? 4.949   5.241   -9.977  1.00 39.04 ? 114 SER A N   1 
ATOM 31  C CA  . SER A 1 21  ? 3.873   4.637   -9.198  1.00 37.86 ? 114 SER A CA  1 
ATOM 32  C C   . SER A 1 21  ? 3.844   3.135   -9.424  1.00 35.40 ? 114 SER A C   1 
ATOM 33  O O   . SER A 1 21  ? 4.150   2.656   -10.514 1.00 34.98 ? 114 SER A O   1 
ATOM 34  C CB  . SER A 1 21  ? 2.520   5.232   -9.597  1.00 37.02 ? 114 SER A CB  1 
ATOM 35  O OG  . SER A 1 21  ? 2.446   6.602   -9.253  1.00 38.68 ? 114 SER A OG  1 
ATOM 36  N N   . PRO A 1 22  ? 3.474   2.367   -8.389  1.00 35.19 ? 115 PRO A N   1 
ATOM 37  C CA  . PRO A 1 22  ? 3.421   0.912   -8.540  1.00 33.76 ? 115 PRO A CA  1 
ATOM 38  C C   . PRO A 1 22  ? 2.322   0.476   -9.505  1.00 34.03 ? 115 PRO A C   1 
ATOM 39  O O   . PRO A 1 22  ? 1.262   1.103   -9.586  1.00 33.81 ? 115 PRO A O   1 
ATOM 40  C CB  . PRO A 1 22  ? 3.165   0.431   -7.113  1.00 35.22 ? 115 PRO A CB  1 
ATOM 41  C CG  . PRO A 1 22  ? 2.358   1.552   -6.521  1.00 32.85 ? 115 PRO A CG  1 
ATOM 42  C CD  . PRO A 1 22  ? 3.097   2.768   -7.021  1.00 33.85 ? 115 PRO A CD  1 
ATOM 43  N N   . SER A 1 23  ? 2.592   -0.601  -10.232 1.00 32.75 ? 116 SER A N   1 
ATOM 44  C CA  . SER A 1 23  ? 1.639   -1.159  -11.183 1.00 32.92 ? 116 SER A CA  1 
ATOM 45  C C   . SER A 1 23  ? 0.697   -2.050  -10.394 1.00 31.77 ? 116 SER A C   1 
ATOM 46  O O   . SER A 1 23  ? 0.865   -2.214  -9.189  1.00 30.56 ? 116 SER A O   1 
ATOM 47  C CB  . SER A 1 23  ? 2.368   -2.011  -12.226 1.00 33.56 ? 116 SER A CB  1 
ATOM 48  O OG  . SER A 1 23  ? 2.890   -3.197  -11.642 1.00 30.28 ? 116 SER A OG  1 
ATOM 49  N N   . ASP A 1 24  ? -0.289  -2.624  -11.074 1.00 31.80 ? 117 ASP A N   1 
ATOM 50  C CA  . ASP A 1 24  ? -1.237  -3.525  -10.431 1.00 32.78 ? 117 ASP A CA  1 
ATOM 51  C C   . ASP A 1 24  ? -0.472  -4.731  -9.894  1.00 32.77 ? 117 ASP A C   1 
ATOM 52  O O   . ASP A 1 24  ? -0.739  -5.213  -8.791  1.00 32.48 ? 117 ASP A O   1 
ATOM 53  C CB  . ASP A 1 24  ? -2.289  -3.986  -11.433 1.00 34.69 ? 117 ASP A CB  1 
ATOM 54  N N   . ARG A 1 25  ? 0.485   -5.218  -10.680 1.00 32.64 ? 118 ARG A N   1 
ATOM 55  C CA  . ARG A 1 25  ? 1.284   -6.368  -10.272 1.00 31.62 ? 118 ARG A CA  1 
ATOM 56  C C   . ARG A 1 25  ? 2.092   -6.028  -9.028  1.00 30.97 ? 118 ARG A C   1 
ATOM 57  O O   . ARG A 1 25  ? 2.189   -6.831  -8.105  1.00 30.00 ? 118 ARG A O   1 
ATOM 58  C CB  . ARG A 1 25  ? 2.224   -6.796  -11.404 1.00 34.17 ? 118 ARG A CB  1 
ATOM 59  N N   . GLN A 1 26  ? 2.669   -4.831  -9.006  1.00 29.13 ? 119 GLN A N   1 
ATOM 60  C CA  . GLN A 1 26  ? 3.464   -4.409  -7.862  1.00 28.86 ? 119 GLN A CA  1 
ATOM 61  C C   . GLN A 1 26  ? 2.622   -4.198  -6.604  1.00 28.61 ? 119 GLN A C   1 
ATOM 62  O O   . GLN A 1 26  ? 3.076   -4.483  -5.491  1.00 26.62 ? 119 GLN A O   1 
ATOM 63  C CB  . GLN A 1 26  ? 4.256   -3.150  -8.213  1.00 30.23 ? 119 GLN A CB  1 
ATOM 64  C CG  . GLN A 1 26  ? 5.488   -3.457  -9.067  1.00 33.91 ? 119 GLN A CG  1 
ATOM 65  C CD  . GLN A 1 26  ? 6.109   -2.226  -9.706  1.00 35.60 ? 119 GLN A CD  1 
ATOM 66  O OE1 . GLN A 1 26  ? 7.244   -2.268  -10.178 1.00 38.57 ? 119 GLN A OE1 1 
ATOM 67  N NE2 . GLN A 1 26  ? 5.364   -1.131  -9.736  1.00 34.36 ? 119 GLN A NE2 1 
ATOM 68  N N   . ILE A 1 27  ? 1.398   -3.707  -6.767  1.00 26.25 ? 120 ILE A N   1 
ATOM 69  C CA  . ILE A 1 27  ? 0.549   -3.521  -5.602  1.00 26.22 ? 120 ILE A CA  1 
ATOM 70  C C   . ILE A 1 27  ? 0.182   -4.892  -5.035  1.00 24.77 ? 120 ILE A C   1 
ATOM 71  O O   . ILE A 1 27  ? 0.094   -5.060  -3.824  1.00 22.32 ? 120 ILE A O   1 
ATOM 72  C CB  . ILE A 1 27  ? -0.733  -2.727  -5.937  1.00 25.69 ? 120 ILE A CB  1 
ATOM 73  C CG1 . ILE A 1 27  ? -0.384  -1.244  -6.099  1.00 23.95 ? 120 ILE A CG1 1 
ATOM 74  C CG2 . ILE A 1 27  ? -1.760  -2.891  -4.819  1.00 25.00 ? 120 ILE A CG2 1 
ATOM 75  C CD1 . ILE A 1 27  ? -1.588  -0.349  -6.343  1.00 27.02 ? 120 ILE A CD1 1 
ATOM 76  N N   . ASN A 1 28  ? -0.023  -5.872  -5.909  1.00 26.24 ? 121 ASN A N   1 
ATOM 77  C CA  . ASN A 1 28  ? -0.347  -7.221  -5.451  1.00 28.11 ? 121 ASN A CA  1 
ATOM 78  C C   . ASN A 1 28  ? 0.829   -7.844  -4.700  1.00 27.31 ? 121 ASN A C   1 
ATOM 79  O O   . ASN A 1 28  ? 0.634   -8.562  -3.719  1.00 23.52 ? 121 ASN A O   1 
ATOM 80  C CB  . ASN A 1 28  ? -0.745  -8.107  -6.633  1.00 33.24 ? 121 ASN A CB  1 
ATOM 81  C CG  . ASN A 1 28  ? -2.249  -8.249  -6.766  1.00 37.18 ? 121 ASN A CG  1 
ATOM 82  O OD1 . ASN A 1 28  ? -2.875  -9.047  -6.064  1.00 41.60 ? 121 ASN A OD1 1 
ATOM 83  N ND2 . ASN A 1 28  ? -2.841  -7.460  -7.652  1.00 39.00 ? 121 ASN A ND2 1 
ATOM 84  N N   . GLN A 1 29  ? 2.045   -7.577  -5.165  1.00 26.32 ? 122 GLN A N   1 
ATOM 85  C CA  . GLN A 1 29  ? 3.243   -8.104  -4.509  1.00 28.22 ? 122 GLN A CA  1 
ATOM 86  C C   . GLN A 1 29  ? 3.411   -7.451  -3.134  1.00 27.56 ? 122 GLN A C   1 
ATOM 87  O O   . GLN A 1 29  ? 3.746   -8.112  -2.148  1.00 26.48 ? 122 GLN A O   1 
ATOM 88  C CB  . GLN A 1 29  ? 4.481   -7.825  -5.361  1.00 30.17 ? 122 GLN A CB  1 
ATOM 89  C CG  . GLN A 1 29  ? 4.474   -8.514  -6.707  1.00 33.54 ? 122 GLN A CG  1 
ATOM 90  C CD  . GLN A 1 29  ? 5.669   -8.124  -7.550  1.00 37.39 ? 122 GLN A CD  1 
ATOM 91  O OE1 . GLN A 1 29  ? 5.899   -6.944  -7.801  1.00 40.55 ? 122 GLN A OE1 1 
ATOM 92  N NE2 . GLN A 1 29  ? 6.438   -9.115  -7.991  1.00 41.80 ? 122 GLN A NE2 1 
ATOM 93  N N   . LEU A 1 30  ? 3.180   -6.144  -3.071  1.00 26.25 ? 123 LEU A N   1 
ATOM 94  C CA  . LEU A 1 30  ? 3.294   -5.426  -1.810  1.00 26.40 ? 123 LEU A CA  1 
ATOM 95  C C   . LEU A 1 30  ? 2.280   -5.972  -0.798  1.00 24.46 ? 123 LEU A C   1 
ATOM 96  O O   . LEU A 1 30  ? 2.611   -6.197  0.368   1.00 22.60 ? 123 LEU A O   1 
ATOM 97  C CB  . LEU A 1 30  ? 3.060   -3.925  -2.025  1.00 27.82 ? 123 LEU A CB  1 
ATOM 98  C CG  . LEU A 1 30  ? 3.169   -3.053  -0.772  1.00 26.77 ? 123 LEU A CG  1 
ATOM 99  C CD1 . LEU A 1 30  ? 4.542   -3.223  -0.128  1.00 25.88 ? 123 LEU A CD1 1 
ATOM 100 C CD2 . LEU A 1 30  ? 2.933   -1.604  -1.149  1.00 26.67 ? 123 LEU A CD2 1 
ATOM 101 N N   . ALA A 1 31  ? 1.051   -6.197  -1.255  1.00 22.06 ? 124 ALA A N   1 
ATOM 102 C CA  . ALA A 1 31  ? -0.002  -6.716  -0.384  1.00 22.96 ? 124 ALA A CA  1 
ATOM 103 C C   . ALA A 1 31  ? 0.333   -8.123  0.126   1.00 23.48 ? 124 ALA A C   1 
ATOM 104 O O   . ALA A 1 31  ? 0.005   -8.472  1.256   1.00 21.37 ? 124 ALA A O   1 
ATOM 105 C CB  . ALA A 1 31  ? -1.337  -6.732  -1.124  1.00 23.38 ? 124 ALA A CB  1 
ATOM 106 N N   . GLN A 1 32  ? 0.976   -8.933  -0.710  1.00 21.64 ? 125 GLN A N   1 
ATOM 107 C CA  . GLN A 1 32  ? 1.342   -10.281 -0.292  1.00 24.86 ? 125 GLN A CA  1 
ATOM 108 C C   . GLN A 1 32  ? 2.438   -10.239 0.773   1.00 23.50 ? 125 GLN A C   1 
ATOM 109 O O   . GLN A 1 32  ? 2.386   -10.980 1.757   1.00 23.43 ? 125 GLN A O   1 
ATOM 110 C CB  . GLN A 1 32  ? 1.822   -11.107 -1.496  1.00 27.17 ? 125 GLN A CB  1 
ATOM 111 C CG  . GLN A 1 32  ? 0.713   -11.471 -2.456  1.00 33.38 ? 125 GLN A CG  1 
ATOM 112 C CD  . GLN A 1 32  ? 1.193   -12.252 -3.660  1.00 37.67 ? 125 GLN A CD  1 
ATOM 113 O OE1 . GLN A 1 32  ? 0.387   -12.717 -4.467  1.00 40.51 ? 125 GLN A OE1 1 
ATOM 114 N NE2 . GLN A 1 32  ? 2.508   -12.400 -3.791  1.00 39.85 ? 125 GLN A NE2 1 
ATOM 115 N N   . ARG A 1 33  ? 3.419   -9.361  0.582   1.00 21.70 ? 126 ARG A N   1 
ATOM 116 C CA  . ARG A 1 33  ? 4.537   -9.252  1.522   1.00 23.01 ? 126 ARG A CA  1 
ATOM 117 C C   . ARG A 1 33  ? 4.163   -8.577  2.840   1.00 23.79 ? 126 ARG A C   1 
ATOM 118 O O   . ARG A 1 33  ? 4.752   -8.859  3.886   1.00 20.89 ? 126 ARG A O   1 
ATOM 119 C CB  . ARG A 1 33  ? 5.701   -8.494  0.865   1.00 23.33 ? 126 ARG A CB  1 
ATOM 120 C CG  . ARG A 1 33  ? 6.207   -9.132  -0.430  1.00 30.42 ? 126 ARG A CG  1 
ATOM 121 C CD  . ARG A 1 33  ? 7.434   -8.411  -0.987  1.00 32.98 ? 126 ARG A CD  1 
ATOM 122 N NE  . ARG A 1 33  ? 8.648   -8.830  -0.295  1.00 40.56 ? 126 ARG A NE  1 
ATOM 123 C CZ  . ARG A 1 33  ? 9.490   -9.751  -0.751  1.00 35.88 ? 126 ARG A CZ  1 
ATOM 124 N NH1 . ARG A 1 33  ? 9.263   -10.344 -1.913  1.00 39.30 ? 126 ARG A NH1 1 
ATOM 125 N NH2 . ARG A 1 33  ? 10.540  -10.100 -0.027  1.00 39.43 ? 126 ARG A NH2 1 
ATOM 126 N N   . LEU A 1 34  ? 3.164   -7.702  2.785   1.00 22.25 ? 127 LEU A N   1 
ATOM 127 C CA  . LEU A 1 34  ? 2.709   -6.957  3.956   1.00 25.15 ? 127 LEU A CA  1 
ATOM 128 C C   . LEU A 1 34  ? 1.888   -7.750  4.974   1.00 25.03 ? 127 LEU A C   1 
ATOM 129 O O   . LEU A 1 34  ? 1.108   -8.636  4.616   1.00 24.89 ? 127 LEU A O   1 
ATOM 130 C CB  . LEU A 1 34  ? 1.891   -5.752  3.487   1.00 25.11 ? 127 LEU A CB  1 
ATOM 131 C CG  . LEU A 1 34  ? 2.344   -4.340  3.847   1.00 28.29 ? 127 LEU A CG  1 
ATOM 132 C CD1 . LEU A 1 34  ? 3.854   -4.220  3.824   1.00 28.01 ? 127 LEU A CD1 1 
ATOM 133 C CD2 . LEU A 1 34  ? 1.693   -3.374  2.875   1.00 28.47 ? 127 LEU A CD2 1 
ATOM 134 N N   . GLY A 1 35  ? 2.083   -7.418  6.248   1.00 26.02 ? 128 GLY A N   1 
ATOM 135 C CA  . GLY A 1 35  ? 1.332   -8.047  7.319   1.00 24.88 ? 128 GLY A CA  1 
ATOM 136 C C   . GLY A 1 35  ? 0.190   -7.105  7.690   1.00 25.88 ? 128 GLY A C   1 
ATOM 137 O O   . GLY A 1 35  ? -0.233  -6.299  6.858   1.00 24.31 ? 128 GLY A O   1 
ATOM 138 N N   . PRO A 1 36  ? -0.322  -7.166  8.929   1.00 26.12 ? 129 PRO A N   1 
ATOM 139 C CA  . PRO A 1 36  ? -1.421  -6.305  9.382   1.00 25.36 ? 129 PRO A CA  1 
ATOM 140 C C   . PRO A 1 36  ? -1.063  -4.821  9.437   1.00 25.10 ? 129 PRO A C   1 
ATOM 141 O O   . PRO A 1 36  ? -1.938  -3.968  9.623   1.00 24.01 ? 129 PRO A O   1 
ATOM 142 C CB  . PRO A 1 36  ? -1.752  -6.874  10.763  1.00 27.27 ? 129 PRO A CB  1 
ATOM 143 C CG  . PRO A 1 36  ? -0.424  -7.372  11.242  1.00 28.87 ? 129 PRO A CG  1 
ATOM 144 C CD  . PRO A 1 36  ? 0.114   -8.069  10.009  1.00 27.09 ? 129 PRO A CD  1 
ATOM 145 N N   . GLU A 1 37  ? 0.223   -4.522  9.278   1.00 21.84 ? 130 GLU A N   1 
ATOM 146 C CA  . GLU A 1 37  ? 0.695   -3.142  9.310   1.00 22.47 ? 130 GLU A CA  1 
ATOM 147 C C   . GLU A 1 37  ? 0.200   -2.386  8.085   1.00 21.09 ? 130 GLU A C   1 
ATOM 148 O O   . GLU A 1 37  ? 0.356   -1.167  7.998   1.00 20.56 ? 130 GLU A O   1 
ATOM 149 C CB  . GLU A 1 37  ? 2.229   -3.094  9.376   1.00 24.42 ? 130 GLU A CB  1 
ATOM 150 N N   . TRP A 1 38  ? -0.376  -3.102  7.122   1.00 20.39 ? 131 TRP A N   1 
ATOM 151 C CA  . TRP A 1 38  ? -0.900  -2.418  5.947   1.00 20.64 ? 131 TRP A CA  1 
ATOM 152 C C   . TRP A 1 38  ? -1.899  -1.334  6.379   1.00 21.46 ? 131 TRP A C   1 
ATOM 153 O O   . TRP A 1 38  ? -1.945  -0.264  5.777   1.00 20.64 ? 131 TRP A O   1 
ATOM 154 C CB  . TRP A 1 38  ? -1.586  -3.401  4.980   1.00 21.77 ? 131 TRP A CB  1 
ATOM 155 C CG  . TRP A 1 38  ? -2.908  -3.963  5.453   1.00 20.02 ? 131 TRP A CG  1 
ATOM 156 C CD1 . TRP A 1 38  ? -3.109  -5.131  6.140   1.00 20.07 ? 131 TRP A CD1 1 
ATOM 157 C CD2 . TRP A 1 38  ? -4.209  -3.404  5.227   1.00 20.63 ? 131 TRP A CD2 1 
ATOM 158 N NE1 . TRP A 1 38  ? -4.457  -5.337  6.345   1.00 20.86 ? 131 TRP A NE1 1 
ATOM 159 C CE2 . TRP A 1 38  ? -5.153  -4.292  5.797   1.00 21.53 ? 131 TRP A CE2 1 
ATOM 160 C CE3 . TRP A 1 38  ? -4.670  -2.242  4.594   1.00 20.97 ? 131 TRP A CE3 1 
ATOM 161 C CZ2 . TRP A 1 38  ? -6.535  -4.053  5.750   1.00 23.18 ? 131 TRP A CZ2 1 
ATOM 162 C CZ3 . TRP A 1 38  ? -6.049  -2.001  4.548   1.00 22.89 ? 131 TRP A CZ3 1 
ATOM 163 C CH2 . TRP A 1 38  ? -6.963  -2.907  5.124   1.00 20.64 ? 131 TRP A CH2 1 
ATOM 164 N N   . GLU A 1 39  ? -2.683  -1.601  7.427   1.00 20.12 ? 132 GLU A N   1 
ATOM 165 C CA  . GLU A 1 39  ? -3.679  -0.629  7.904   1.00 22.27 ? 132 GLU A CA  1 
ATOM 166 C C   . GLU A 1 39  ? -3.071  0.683   8.372   1.00 22.65 ? 132 GLU A C   1 
ATOM 167 O O   . GLU A 1 39  ? -3.372  1.745   7.820   1.00 22.26 ? 132 GLU A O   1 
ATOM 168 C CB  . GLU A 1 39  ? -4.518  -1.202  9.053   1.00 25.33 ? 132 GLU A CB  1 
ATOM 169 C CG  . GLU A 1 39  ? -5.646  -2.095  8.632   1.00 30.39 ? 132 GLU A CG  1 
ATOM 170 C CD  . GLU A 1 39  ? -6.619  -2.359  9.769   1.00 31.40 ? 132 GLU A CD  1 
ATOM 171 O OE1 . GLU A 1 39  ? -7.353  -1.432  10.173  1.00 32.12 ? 132 GLU A OE1 1 
ATOM 172 O OE2 . GLU A 1 39  ? -6.643  -3.497  10.263  1.00 33.78 ? 132 GLU A OE2 1 
ATOM 173 N N   . PRO A 1 40  ? -2.220  0.636   9.412   1.00 22.97 ? 133 PRO A N   1 
ATOM 174 C CA  . PRO A 1 40  ? -1.609  1.882   9.887   1.00 22.97 ? 133 PRO A CA  1 
ATOM 175 C C   . PRO A 1 40  ? -0.856  2.555   8.750   1.00 23.42 ? 133 PRO A C   1 
ATOM 176 O O   . PRO A 1 40  ? -0.795  3.778   8.681   1.00 23.02 ? 133 PRO A O   1 
ATOM 177 C CB  . PRO A 1 40  ? -0.643  1.416   10.978  1.00 24.43 ? 133 PRO A CB  1 
ATOM 178 C CG  . PRO A 1 40  ? -1.189  0.097   11.413  1.00 25.72 ? 133 PRO A CG  1 
ATOM 179 C CD  . PRO A 1 40  ? -1.679  -0.525  10.140  1.00 23.17 ? 133 PRO A CD  1 
ATOM 180 N N   . MET A 1 41  ? -0.278  1.748   7.861   1.00 23.14 ? 134 MET A N   1 
ATOM 181 C CA  . MET A 1 41  ? 0.494   2.291   6.743   1.00 23.00 ? 134 MET A CA  1 
ATOM 182 C C   . MET A 1 41  ? -0.345  3.140   5.793   1.00 22.86 ? 134 MET A C   1 
ATOM 183 O O   . MET A 1 41  ? 0.011   4.286   5.507   1.00 21.48 ? 134 MET A O   1 
ATOM 184 C CB  . MET A 1 41  ? 1.170   1.169   5.953   1.00 23.61 ? 134 MET A CB  1 
ATOM 185 C CG  . MET A 1 41  ? 2.133   1.674   4.873   1.00 24.77 ? 134 MET A CG  1 
ATOM 186 S SD  . MET A 1 41  ? 2.943   0.326   3.996   1.00 27.23 ? 134 MET A SD  1 
ATOM 187 C CE  . MET A 1 41  ? 3.504   1.144   2.481   1.00 26.22 ? 134 MET A CE  1 
ATOM 188 N N   . VAL A 1 42  ? -1.452  2.590   5.301   1.00 21.67 ? 135 VAL A N   1 
ATOM 189 C CA  . VAL A 1 42  ? -2.291  3.357   4.387   1.00 21.74 ? 135 VAL A CA  1 
ATOM 190 C C   . VAL A 1 42  ? -2.896  4.558   5.114   1.00 24.48 ? 135 VAL A C   1 
ATOM 191 O O   . VAL A 1 42  ? -3.151  5.602   4.506   1.00 23.79 ? 135 VAL A O   1 
ATOM 192 C CB  . VAL A 1 42  ? -3.396  2.488   3.753   1.00 21.68 ? 135 VAL A CB  1 
ATOM 193 C CG1 . VAL A 1 42  ? -2.752  1.421   2.861   1.00 21.74 ? 135 VAL A CG1 1 
ATOM 194 C CG2 . VAL A 1 42  ? -4.259  1.845   4.825   1.00 20.72 ? 135 VAL A CG2 1 
ATOM 195 N N   . LEU A 1 43  ? -3.117  4.419   6.417   1.00 26.95 ? 136 LEU A N   1 
ATOM 196 C CA  . LEU A 1 43  ? -3.646  5.532   7.193   1.00 29.28 ? 136 LEU A CA  1 
ATOM 197 C C   . LEU A 1 43  ? -2.612  6.656   7.133   1.00 30.09 ? 136 LEU A C   1 
ATOM 198 O O   . LEU A 1 43  ? -2.954  7.818   6.901   1.00 29.57 ? 136 LEU A O   1 
ATOM 199 C CB  . LEU A 1 43  ? -3.883  5.119   8.650   1.00 32.66 ? 136 LEU A CB  1 
ATOM 200 C CG  . LEU A 1 43  ? -5.298  4.701   9.059   1.00 36.12 ? 136 LEU A CG  1 
ATOM 201 C CD1 . LEU A 1 43  ? -5.304  4.326   10.538  1.00 38.81 ? 136 LEU A CD1 1 
ATOM 202 C CD2 . LEU A 1 43  ? -6.280  5.846   8.809   1.00 36.23 ? 136 LEU A CD2 1 
ATOM 203 N N   . SER A 1 44  ? -1.341  6.307   7.318   1.00 30.08 ? 137 SER A N   1 
ATOM 204 C CA  . SER A 1 44  ? -0.279  7.309   7.279   1.00 31.93 ? 137 SER A CA  1 
ATOM 205 C C   . SER A 1 44  ? -0.116  7.897   5.883   1.00 32.07 ? 137 SER A C   1 
ATOM 206 O O   . SER A 1 44  ? 0.324   9.039   5.736   1.00 34.02 ? 137 SER A O   1 
ATOM 207 C CB  . SER A 1 44  ? 1.058   6.710   7.729   1.00 32.10 ? 137 SER A CB  1 
ATOM 208 O OG  . SER A 1 44  ? 1.643   5.917   6.709   1.00 34.53 ? 137 SER A OG  1 
ATOM 209 N N   . LEU A 1 45  ? -0.465  7.123   4.859   1.00 30.78 ? 138 LEU A N   1 
ATOM 210 C CA  . LEU A 1 45  ? -0.336  7.594   3.484   1.00 29.06 ? 138 LEU A CA  1 
ATOM 211 C C   . LEU A 1 45  ? -1.466  8.530   3.058   1.00 29.48 ? 138 LEU A C   1 
ATOM 212 O O   . LEU A 1 45  ? -1.450  9.061   1.942   1.00 29.59 ? 138 LEU A O   1 
ATOM 213 C CB  . LEU A 1 45  ? -0.253  6.406   2.518   1.00 27.06 ? 138 LEU A CB  1 
ATOM 214 C CG  . LEU A 1 45  ? 1.019   5.556   2.613   1.00 30.17 ? 138 LEU A CG  1 
ATOM 215 C CD1 . LEU A 1 45  ? 0.946   4.411   1.617   1.00 28.09 ? 138 LEU A CD1 1 
ATOM 216 C CD2 . LEU A 1 45  ? 2.242   6.421   2.338   1.00 29.70 ? 138 LEU A CD2 1 
ATOM 217 N N   . GLY A 1 46  ? -2.452  8.725   3.928   1.00 27.20 ? 139 GLY A N   1 
ATOM 218 C CA  . GLY A 1 46  ? -3.534  9.625   3.578   1.00 28.04 ? 139 GLY A CA  1 
ATOM 219 C C   . GLY A 1 46  ? -4.939  9.067   3.512   1.00 28.63 ? 139 GLY A C   1 
ATOM 220 O O   . GLY A 1 46  ? -5.886  9.834   3.331   1.00 29.10 ? 139 GLY A O   1 
ATOM 221 N N   . LEU A 1 47  ? -5.100  7.750   3.632   1.00 26.99 ? 140 LEU A N   1 
ATOM 222 C CA  . LEU A 1 47  ? -6.444  7.179   3.599   1.00 26.69 ? 140 LEU A CA  1 
ATOM 223 C C   . LEU A 1 47  ? -7.094  7.366   4.967   1.00 26.13 ? 140 LEU A C   1 
ATOM 224 O O   . LEU A 1 47  ? -6.406  7.468   5.978   1.00 27.24 ? 140 LEU A O   1 
ATOM 225 C CB  . LEU A 1 47  ? -6.417  5.686   3.249   1.00 25.67 ? 140 LEU A CB  1 
ATOM 226 C CG  . LEU A 1 47  ? -5.881  5.227   1.885   1.00 27.00 ? 140 LEU A CG  1 
ATOM 227 C CD1 . LEU A 1 47  ? -6.337  3.794   1.653   1.00 24.72 ? 140 LEU A CD1 1 
ATOM 228 C CD2 . LEU A 1 47  ? -6.409  6.109   0.767   1.00 28.22 ? 140 LEU A CD2 1 
ATOM 229 N N   . SER A 1 48  ? -8.422  7.409   4.986   1.00 26.29 ? 141 SER A N   1 
ATOM 230 C CA  . SER A 1 48  ? -9.176  7.595   6.221   1.00 26.49 ? 141 SER A CA  1 
ATOM 231 C C   . SER A 1 48  ? -9.613  6.253   6.785   1.00 26.97 ? 141 SER A C   1 
ATOM 232 O O   . SER A 1 48  ? -9.541  5.233   6.097   1.00 22.73 ? 141 SER A O   1 
ATOM 233 C CB  . SER A 1 48  ? -10.420 8.430   5.949   1.00 26.82 ? 141 SER A CB  1 
ATOM 234 O OG  . SER A 1 48  ? -11.354 7.692   5.177   1.00 25.62 ? 141 SER A OG  1 
ATOM 235 N N   . GLN A 1 49  ? -10.075 6.259   8.032   1.00 27.00 ? 142 GLN A N   1 
ATOM 236 C CA  . GLN A 1 49  ? -10.550 5.035   8.669   1.00 27.90 ? 142 GLN A CA  1 
ATOM 237 C C   . GLN A 1 49  ? -11.697 4.482   7.834   1.00 27.51 ? 142 GLN A C   1 
ATOM 238 O O   . GLN A 1 49  ? -11.825 3.275   7.659   1.00 27.20 ? 142 GLN A O   1 
ATOM 239 C CB  . GLN A 1 49  ? -11.045 5.321   10.088  1.00 29.06 ? 142 GLN A CB  1 
ATOM 240 C CG  . GLN A 1 49  ? -9.960  5.689   11.082  1.00 31.53 ? 142 GLN A CG  1 
ATOM 241 C CD  . GLN A 1 49  ? -9.085  4.515   11.460  1.00 33.77 ? 142 GLN A CD  1 
ATOM 242 O OE1 . GLN A 1 49  ? -9.423  3.358   11.189  1.00 35.36 ? 142 GLN A OE1 1 
ATOM 243 N NE2 . GLN A 1 49  ? -7.962  4.800   12.109  1.00 32.98 ? 142 GLN A NE2 1 
ATOM 244 N N   . THR A 1 50  ? -12.533 5.378   7.319   1.00 28.24 ? 143 THR A N   1 
ATOM 245 C CA  . THR A 1 50  ? -13.666 4.970   6.499   1.00 27.80 ? 143 THR A CA  1 
ATOM 246 C C   . THR A 1 50  ? -13.226 4.293   5.197   1.00 25.94 ? 143 THR A C   1 
ATOM 247 O O   . THR A 1 50  ? -13.834 3.312   4.776   1.00 24.06 ? 143 THR A O   1 
ATOM 248 C CB  . THR A 1 50  ? -14.577 6.175   6.181   1.00 30.94 ? 143 THR A CB  1 
ATOM 249 O OG1 . THR A 1 50  ? -15.180 6.644   7.397   1.00 32.89 ? 143 THR A OG1 1 
ATOM 250 C CG2 . THR A 1 50  ? -15.672 5.775   5.202   1.00 31.11 ? 143 THR A CG2 1 
ATOM 251 N N   . ASP A 1 51  ? -12.179 4.817   4.559   1.00 25.88 ? 144 ASP A N   1 
ATOM 252 C CA  . ASP A 1 51  ? -11.673 4.213   3.324   1.00 25.41 ? 144 ASP A CA  1 
ATOM 253 C C   . ASP A 1 51  ? -11.299 2.767   3.638   1.00 24.06 ? 144 ASP A C   1 
ATOM 254 O O   . ASP A 1 51  ? -11.665 1.833   2.921   1.00 21.97 ? 144 ASP A O   1 
ATOM 255 C CB  . ASP A 1 51  ? -10.407 4.918   2.825   1.00 27.21 ? 144 ASP A CB  1 
ATOM 256 C CG  . ASP A 1 51  ? -10.666 6.323   2.307   1.00 29.82 ? 144 ASP A CG  1 
ATOM 257 O OD1 . ASP A 1 51  ? -11.763 6.567   1.756   1.00 29.84 ? 144 ASP A OD1 1 
ATOM 258 O OD2 . ASP A 1 51  ? -9.751  7.169   2.436   1.00 28.77 ? 144 ASP A OD2 1 
ATOM 259 N N   . ILE A 1 52  ? -10.548 2.600   4.721   1.00 22.41 ? 145 ILE A N   1 
ATOM 260 C CA  . ILE A 1 52  ? -10.095 1.278   5.142   1.00 22.21 ? 145 ILE A CA  1 
ATOM 261 C C   . ILE A 1 52  ? -11.278 0.370   5.486   1.00 21.94 ? 145 ILE A C   1 
ATOM 262 O O   . ILE A 1 52  ? -11.273 -0.817  5.163   1.00 23.79 ? 145 ILE A O   1 
ATOM 263 C CB  . ILE A 1 52  ? -9.156  1.404   6.368   1.00 20.69 ? 145 ILE A CB  1 
ATOM 264 C CG1 . ILE A 1 52  ? -7.889  2.173   5.970   1.00 23.46 ? 145 ILE A CG1 1 
ATOM 265 C CG2 . ILE A 1 52  ? -8.811  0.023   6.913   1.00 21.70 ? 145 ILE A CG2 1 
ATOM 266 C CD1 . ILE A 1 52  ? -6.957  2.473   7.137   1.00 22.92 ? 145 ILE A CD1 1 
ATOM 267 N N   . TYR A 1 53  ? -12.287 0.931   6.145   1.00 22.03 ? 146 TYR A N   1 
ATOM 268 C CA  . TYR A 1 53  ? -13.473 0.166   6.532   1.00 22.68 ? 146 TYR A CA  1 
ATOM 269 C C   . TYR A 1 53  ? -14.180 -0.372  5.284   1.00 22.64 ? 146 TYR A C   1 
ATOM 270 O O   . TYR A 1 53  ? -14.610 -1.530  5.251   1.00 20.41 ? 146 TYR A O   1 
ATOM 271 C CB  . TYR A 1 53  ? -14.426 1.057   7.341   1.00 24.38 ? 146 TYR A CB  1 
ATOM 272 C CG  . TYR A 1 53  ? -15.361 0.301   8.267   1.00 27.62 ? 146 TYR A CG  1 
ATOM 273 C CD1 . TYR A 1 53  ? -16.544 -0.274  7.794   1.00 27.75 ? 146 TYR A CD1 1 
ATOM 274 C CD2 . TYR A 1 53  ? -15.062 0.171   9.623   1.00 29.64 ? 146 TYR A CD2 1 
ATOM 275 C CE1 . TYR A 1 53  ? -17.411 -0.956  8.654   1.00 28.36 ? 146 TYR A CE1 1 
ATOM 276 C CE2 . TYR A 1 53  ? -15.918 -0.507  10.491  1.00 32.16 ? 146 TYR A CE2 1 
ATOM 277 C CZ  . TYR A 1 53  ? -17.091 -1.066  10.004  1.00 31.70 ? 146 TYR A CZ  1 
ATOM 278 O OH  . TYR A 1 53  ? -17.941 -1.708  10.885  1.00 33.89 ? 146 TYR A OH  1 
ATOM 279 N N   . ARG A 1 54  ? -14.295 0.476   4.265   1.00 21.80 ? 147 ARG A N   1 
ATOM 280 C CA  . ARG A 1 54  ? -14.922 0.090   3.004   1.00 24.11 ? 147 ARG A CA  1 
ATOM 281 C C   . ARG A 1 54  ? -14.132 -1.008  2.293   1.00 24.16 ? 147 ARG A C   1 
ATOM 282 O O   . ARG A 1 54  ? -14.723 -1.906  1.709   1.00 21.05 ? 147 ARG A O   1 
ATOM 283 C CB  . ARG A 1 54  ? -15.048 1.289   2.063   1.00 26.60 ? 147 ARG A CB  1 
ATOM 284 C CG  . ARG A 1 54  ? -16.135 2.281   2.450   1.00 31.85 ? 147 ARG A CG  1 
ATOM 285 C CD  . ARG A 1 54  ? -16.210 3.433   1.450   1.00 35.53 ? 147 ARG A CD  1 
ATOM 286 N NE  . ARG A 1 54  ? -17.182 4.447   1.852   1.00 38.09 ? 147 ARG A NE  1 
ATOM 287 C CZ  . ARG A 1 54  ? -16.969 5.757   1.773   1.00 38.70 ? 147 ARG A CZ  1 
ATOM 288 N NH1 . ARG A 1 54  ? -15.816 6.214   1.304   1.00 40.06 ? 147 ARG A NH1 1 
ATOM 289 N NH2 . ARG A 1 54  ? -17.906 6.613   2.167   1.00 40.53 ? 147 ARG A NH2 1 
ATOM 290 N N   . CYS A 1 55  ? -12.803 -0.930  2.331   1.00 23.10 ? 148 CYS A N   1 
ATOM 291 C CA  . CYS A 1 55  ? -11.979 -1.950  1.677   1.00 22.75 ? 148 CYS A CA  1 
ATOM 292 C C   . CYS A 1 55  ? -12.273 -3.325  2.283   1.00 21.79 ? 148 CYS A C   1 
ATOM 293 O O   . CYS A 1 55  ? -12.383 -4.321  1.567   1.00 22.08 ? 148 CYS A O   1 
ATOM 294 C CB  . CYS A 1 55  ? -10.487 -1.625  1.826   1.00 24.25 ? 148 CYS A CB  1 
ATOM 295 S SG  . CYS A 1 55  ? -9.872  -0.246  0.816   1.00 25.14 ? 148 CYS A SG  1 
ATOM 296 N N   . LYS A 1 56  ? -12.397 -3.376  3.606   1.00 20.81 ? 149 LYS A N   1 
ATOM 297 C CA  . LYS A 1 56  ? -12.693 -4.633  4.292   1.00 22.93 ? 149 LYS A CA  1 
ATOM 298 C C   . LYS A 1 56  ? -14.106 -5.087  3.944   1.00 22.82 ? 149 LYS A C   1 
ATOM 299 O O   . LYS A 1 56  ? -14.329 -6.245  3.582   1.00 23.41 ? 149 LYS A O   1 
ATOM 300 C CB  . LYS A 1 56  ? -12.570 -4.470  5.811   1.00 20.82 ? 149 LYS A CB  1 
ATOM 301 C CG  . LYS A 1 56  ? -11.151 -4.209  6.300   1.00 21.63 ? 149 LYS A CG  1 
ATOM 302 C CD  . LYS A 1 56  ? -11.129 -3.993  7.809   1.00 20.40 ? 149 LYS A CD  1 
ATOM 303 C CE  . LYS A 1 56  ? -9.743  -3.588  8.303   1.00 22.91 ? 149 LYS A CE  1 
ATOM 304 N NZ  . LYS A 1 56  ? -9.758  -3.220  9.751   1.00 25.21 ? 149 LYS A NZ  1 
ATOM 305 N N   . ALA A 1 57  ? -15.057 -4.163  4.031   1.00 23.74 ? 150 ALA A N   1 
ATOM 306 C CA  . ALA A 1 57  ? -16.446 -4.486  3.729   1.00 26.25 ? 150 ALA A CA  1 
ATOM 307 C C   . ALA A 1 57  ? -16.619 -5.024  2.312   1.00 25.72 ? 150 ALA A C   1 
ATOM 308 O O   . ALA A 1 57  ? -17.467 -5.881  2.076   1.00 28.96 ? 150 ALA A O   1 
ATOM 309 C CB  . ALA A 1 57  ? -17.332 -3.258  3.935   1.00 24.49 ? 150 ALA A CB  1 
ATOM 310 N N   . ASN A 1 58  ? -15.817 -4.530  1.374   1.00 27.91 ? 151 ASN A N   1 
ATOM 311 C CA  . ASN A 1 58  ? -15.901 -4.967  -0.020  1.00 26.20 ? 151 ASN A CA  1 
ATOM 312 C C   . ASN A 1 58  ? -15.341 -6.361  -0.297  1.00 26.75 ? 151 ASN A C   1 
ATOM 313 O O   . ASN A 1 58  ? -15.686 -6.988  -1.301  1.00 24.07 ? 151 ASN A O   1 
ATOM 314 C CB  . ASN A 1 58  ? -15.191 -3.966  -0.935  1.00 28.35 ? 151 ASN A CB  1 
ATOM 315 C CG  . ASN A 1 58  ? -15.943 -2.661  -1.060  1.00 30.85 ? 151 ASN A CG  1 
ATOM 316 O OD1 . ASN A 1 58  ? -17.130 -2.588  -0.744  1.00 29.82 ? 151 ASN A OD1 1 
ATOM 317 N ND2 . ASN A 1 58  ? -15.263 -1.625  -1.538  1.00 28.21 ? 151 ASN A ND2 1 
ATOM 318 N N   . HIS A 1 59  ? -14.472 -6.843  0.584   1.00 25.48 ? 152 HIS A N   1 
ATOM 319 C CA  . HIS A 1 59  ? -13.866 -8.159  0.402   1.00 25.86 ? 152 HIS A CA  1 
ATOM 320 C C   . HIS A 1 59  ? -13.876 -8.929  1.715   1.00 26.47 ? 152 HIS A C   1 
ATOM 321 O O   . HIS A 1 59  ? -12.834 -9.170  2.315   1.00 26.65 ? 152 HIS A O   1 
ATOM 322 C CB  . HIS A 1 59  ? -12.438 -7.995  -0.109  1.00 25.49 ? 152 HIS A CB  1 
ATOM 323 C CG  . HIS A 1 59  ? -12.348 -7.222  -1.386  1.00 24.20 ? 152 HIS A CG  1 
ATOM 324 N ND1 . HIS A 1 59  ? -12.042 -5.879  -1.424  1.00 23.31 ? 152 HIS A ND1 1 
ATOM 325 C CD2 . HIS A 1 59  ? -12.561 -7.596  -2.669  1.00 23.48 ? 152 HIS A CD2 1 
ATOM 326 C CE1 . HIS A 1 59  ? -12.070 -5.459  -2.676  1.00 21.05 ? 152 HIS A CE1 1 
ATOM 327 N NE2 . HIS A 1 59  ? -12.382 -6.482  -3.451  1.00 26.41 ? 152 HIS A NE2 1 
ATOM 328 N N   . PRO A 1 60  ? -15.069 -9.338  2.165   1.00 28.66 ? 153 PRO A N   1 
ATOM 329 C CA  . PRO A 1 60  ? -15.293 -10.081 3.409   1.00 30.09 ? 153 PRO A CA  1 
ATOM 330 C C   . PRO A 1 60  ? -14.472 -11.359 3.569   1.00 30.00 ? 153 PRO A C   1 
ATOM 331 O O   . PRO A 1 60  ? -14.071 -11.711 4.681   1.00 31.40 ? 153 PRO A O   1 
ATOM 332 C CB  . PRO A 1 60  ? -16.788 -10.390 3.363   1.00 31.33 ? 153 PRO A CB  1 
ATOM 333 C CG  . PRO A 1 60  ? -17.344 -9.294  2.523   1.00 33.60 ? 153 PRO A CG  1 
ATOM 334 C CD  . PRO A 1 60  ? -16.332 -9.187  1.424   1.00 30.28 ? 153 PRO A CD  1 
ATOM 335 N N   . HIS A 1 61  ? -14.223 -12.042 2.456   1.00 28.98 ? 154 HIS A N   1 
ATOM 336 C CA  . HIS A 1 61  ? -13.497 -13.306 2.485   1.00 28.49 ? 154 HIS A CA  1 
ATOM 337 C C   . HIS A 1 61  ? -12.146 -13.306 1.789   1.00 26.29 ? 154 HIS A C   1 
ATOM 338 O O   . HIS A 1 61  ? -11.674 -14.360 1.347   1.00 25.68 ? 154 HIS A O   1 
ATOM 339 C CB  . HIS A 1 61  ? -14.379 -14.390 1.872   1.00 28.12 ? 154 HIS A CB  1 
ATOM 340 C CG  . HIS A 1 61  ? -15.784 -14.363 2.376   1.00 31.78 ? 154 HIS A CG  1 
ATOM 341 N ND1 . HIS A 1 61  ? -16.106 -14.627 3.690   1.00 35.17 ? 154 HIS A ND1 1 
ATOM 342 C CD2 . HIS A 1 61  ? -16.949 -14.066 1.754   1.00 33.64 ? 154 HIS A CD2 1 
ATOM 343 C CE1 . HIS A 1 61  ? -17.409 -14.492 3.855   1.00 34.82 ? 154 HIS A CE1 1 
ATOM 344 N NE2 . HIS A 1 61  ? -17.944 -14.152 2.697   1.00 34.55 ? 154 HIS A NE2 1 
ATOM 345 N N   . ASN A 1 62  ? -11.520 -12.141 1.692   1.00 25.38 ? 155 ASN A N   1 
ATOM 346 C CA  . ASN A 1 62  ? -10.224 -12.054 1.049   1.00 23.10 ? 155 ASN A CA  1 
ATOM 347 C C   . ASN A 1 62  ? -9.427  -10.849 1.531   1.00 22.40 ? 155 ASN A C   1 
ATOM 348 O O   . ASN A 1 62  ? -9.532  -9.756  0.970   1.00 21.46 ? 155 ASN A O   1 
ATOM 349 C CB  . ASN A 1 62  ? -10.376 -11.993 -0.479  1.00 22.99 ? 155 ASN A CB  1 
ATOM 350 C CG  . ASN A 1 62  ? -9.076  -12.316 -1.196  1.00 22.81 ? 155 ASN A CG  1 
ATOM 351 O OD1 . ASN A 1 62  ? -7.989  -11.966 -0.717  1.00 23.88 ? 155 ASN A OD1 1 
ATOM 352 N ND2 . ASN A 1 62  ? -9.175  -12.976 -2.347  1.00 25.27 ? 155 ASN A ND2 1 
ATOM 353 N N   . VAL A 1 63  ? -8.619  -11.054 2.571   1.00 20.07 ? 156 VAL A N   1 
ATOM 354 C CA  . VAL A 1 63  ? -7.816  -9.969  3.116   1.00 21.53 ? 156 VAL A CA  1 
ATOM 355 C C   . VAL A 1 63  ? -6.881  -9.408  2.051   1.00 20.91 ? 156 VAL A C   1 
ATOM 356 O O   . VAL A 1 63  ? -6.683  -8.199  1.972   1.00 20.51 ? 156 VAL A O   1 
ATOM 357 C CB  . VAL A 1 63  ? -7.008  -10.430 4.353   1.00 19.90 ? 156 VAL A CB  1 
ATOM 358 C CG1 . VAL A 1 63  ? -6.017  -9.354  4.768   1.00 23.97 ? 156 VAL A CG1 1 
ATOM 359 C CG2 . VAL A 1 63  ? -7.961  -10.715 5.497   1.00 23.11 ? 156 VAL A CG2 1 
ATOM 360 N N   . GLN A 1 64  ? -6.308  -10.285 1.234   1.00 21.24 ? 157 GLN A N   1 
ATOM 361 C CA  . GLN A 1 64  ? -5.427  -9.848  0.150   1.00 23.29 ? 157 GLN A CA  1 
ATOM 362 C C   . GLN A 1 64  ? -6.112  -8.775  -0.703  1.00 21.94 ? 157 GLN A C   1 
ATOM 363 O O   . GLN A 1 64  ? -5.526  -7.736  -1.005  1.00 22.23 ? 157 GLN A O   1 
ATOM 364 C CB  . GLN A 1 64  ? -5.083  -11.035 -0.752  1.00 27.07 ? 157 GLN A CB  1 
ATOM 365 C CG  . GLN A 1 64  ? -4.292  -10.674 -1.988  1.00 31.54 ? 157 GLN A CG  1 
ATOM 366 C CD  . GLN A 1 64  ? -2.808  -10.748 -1.752  1.00 35.60 ? 157 GLN A CD  1 
ATOM 367 O OE1 . GLN A 1 64  ? -2.221  -9.880  -1.106  1.00 32.59 ? 157 GLN A OE1 1 
ATOM 368 N NE2 . GLN A 1 64  ? -2.185  -11.807 -2.266  1.00 37.87 ? 157 GLN A NE2 1 
ATOM 369 N N   . SER A 1 65  ? -7.351  -9.039  -1.102  1.00 22.91 ? 158 SER A N   1 
ATOM 370 C CA  . SER A 1 65  ? -8.096  -8.101  -1.931  1.00 22.99 ? 158 SER A CA  1 
ATOM 371 C C   . SER A 1 65  ? -8.371  -6.796  -1.200  1.00 22.01 ? 158 SER A C   1 
ATOM 372 O O   . SER A 1 65  ? -8.481  -5.746  -1.831  1.00 21.60 ? 158 SER A O   1 
ATOM 373 C CB  . SER A 1 65  ? -9.412  -8.726  -2.392  1.00 24.74 ? 158 SER A CB  1 
ATOM 374 O OG  . SER A 1 65  ? -9.171  -9.858  -3.204  1.00 23.37 ? 158 SER A OG  1 
ATOM 375 N N   . GLN A 1 66  ? -8.491  -6.864  0.123   1.00 21.47 ? 159 GLN A N   1 
ATOM 376 C CA  . GLN A 1 66  ? -8.722  -5.668  0.933   1.00 21.26 ? 159 GLN A CA  1 
ATOM 377 C C   . GLN A 1 66  ? -7.504  -4.753  0.834   1.00 20.79 ? 159 GLN A C   1 
ATOM 378 O O   . GLN A 1 66  ? -7.621  -3.549  0.588   1.00 19.92 ? 159 GLN A O   1 
ATOM 379 C CB  . GLN A 1 66  ? -8.937  -6.046  2.406   1.00 20.85 ? 159 GLN A CB  1 
ATOM 380 C CG  . GLN A 1 66  ? -10.174 -6.895  2.677   1.00 18.27 ? 159 GLN A CG  1 
ATOM 381 C CD  . GLN A 1 66  ? -10.295 -7.343  4.135   1.00 20.72 ? 159 GLN A CD  1 
ATOM 382 O OE1 . GLN A 1 66  ? -11.204 -8.101  4.490   1.00 21.14 ? 159 GLN A OE1 1 
ATOM 383 N NE2 . GLN A 1 66  ? -9.381  -6.880  4.979   1.00 15.22 ? 159 GLN A NE2 1 
ATOM 384 N N   . VAL A 1 67  ? -6.330  -5.338  1.033   1.00 20.22 ? 160 VAL A N   1 
ATOM 385 C CA  . VAL A 1 67  ? -5.080  -4.587  0.987   1.00 20.56 ? 160 VAL A CA  1 
ATOM 386 C C   . VAL A 1 67  ? -4.816  -4.036  -0.408  1.00 21.54 ? 160 VAL A C   1 
ATOM 387 O O   . VAL A 1 67  ? -4.366  -2.901  -0.560  1.00 20.40 ? 160 VAL A O   1 
ATOM 388 C CB  . VAL A 1 67  ? -3.890  -5.467  1.426   1.00 21.10 ? 160 VAL A CB  1 
ATOM 389 C CG1 . VAL A 1 67  ? -2.615  -4.639  1.495   1.00 18.75 ? 160 VAL A CG1 1 
ATOM 390 C CG2 . VAL A 1 67  ? -4.188  -6.081  2.798   1.00 21.58 ? 160 VAL A CG2 1 
ATOM 391 N N   . VAL A 1 68  ? -5.097  -4.837  -1.428  1.00 20.43 ? 161 VAL A N   1 
ATOM 392 C CA  . VAL A 1 68  ? -4.888  -4.378  -2.790  1.00 21.65 ? 161 VAL A CA  1 
ATOM 393 C C   . VAL A 1 68  ? -5.794  -3.178  -3.050  1.00 21.21 ? 161 VAL A C   1 
ATOM 394 O O   . VAL A 1 68  ? -5.341  -2.149  -3.545  1.00 21.55 ? 161 VAL A O   1 
ATOM 395 C CB  . VAL A 1 68  ? -5.183  -5.494  -3.820  1.00 22.83 ? 161 VAL A CB  1 
ATOM 396 C CG1 . VAL A 1 68  ? -5.263  -4.910  -5.228  1.00 20.49 ? 161 VAL A CG1 1 
ATOM 397 C CG2 . VAL A 1 68  ? -4.071  -6.538  -3.761  1.00 20.70 ? 161 VAL A CG2 1 
ATOM 398 N N   . GLU A 1 69  ? -7.068  -3.304  -2.698  1.00 20.98 ? 162 GLU A N   1 
ATOM 399 C CA  . GLU A 1 69  ? -8.002  -2.206  -2.917  1.00 22.05 ? 162 GLU A CA  1 
ATOM 400 C C   . GLU A 1 69  ? -7.538  -0.935  -2.214  1.00 20.03 ? 162 GLU A C   1 
ATOM 401 O O   . GLU A 1 69  ? -7.646  0.157   -2.775  1.00 19.68 ? 162 GLU A O   1 
ATOM 402 C CB  . GLU A 1 69  ? -9.405  -2.585  -2.444  1.00 21.89 ? 162 GLU A CB  1 
ATOM 403 C CG  . GLU A 1 69  ? -10.442 -1.496  -2.663  1.00 23.18 ? 162 GLU A CG  1 
ATOM 404 C CD  . GLU A 1 69  ? -11.856 -2.044  -2.732  1.00 26.19 ? 162 GLU A CD  1 
ATOM 405 O OE1 . GLU A 1 69  ? -12.121 -2.890  -3.608  1.00 27.43 ? 162 GLU A OE1 1 
ATOM 406 O OE2 . GLU A 1 69  ? -12.702 -1.629  -1.918  1.00 28.87 ? 162 GLU A OE2 1 
ATOM 407 N N   . ALA A 1 70  ? -7.018  -1.078  -0.995  1.00 19.15 ? 163 ALA A N   1 
ATOM 408 C CA  . ALA A 1 70  ? -6.525  0.072   -0.229  1.00 18.75 ? 163 ALA A CA  1 
ATOM 409 C C   . ALA A 1 70  ? -5.431  0.825   -0.978  1.00 19.77 ? 163 ALA A C   1 
ATOM 410 O O   . ALA A 1 70  ? -5.498  2.049   -1.116  1.00 19.26 ? 163 ALA A O   1 
ATOM 411 C CB  . ALA A 1 70  ? -6.002  -0.377  1.136   1.00 16.53 ? 163 ALA A CB  1 
ATOM 412 N N   . PHE A 1 71  ? -4.418  0.102   -1.449  1.00 18.05 ? 164 PHE A N   1 
ATOM 413 C CA  . PHE A 1 71  ? -3.326  0.731   -2.181  1.00 19.78 ? 164 PHE A CA  1 
ATOM 414 C C   . PHE A 1 71  ? -3.779  1.251   -3.542  1.00 20.21 ? 164 PHE A C   1 
ATOM 415 O O   . PHE A 1 71  ? -3.228  2.228   -4.043  1.00 22.52 ? 164 PHE A O   1 
ATOM 416 C CB  . PHE A 1 71  ? -2.143  -0.238  -2.309  1.00 19.19 ? 164 PHE A CB  1 
ATOM 417 C CG  . PHE A 1 71  ? -1.338  -0.362  -1.041  1.00 18.72 ? 164 PHE A CG  1 
ATOM 418 C CD1 . PHE A 1 71  ? -0.517  0.678   -0.621  1.00 19.39 ? 164 PHE A CD1 1 
ATOM 419 C CD2 . PHE A 1 71  ? -1.441  -1.494  -0.237  1.00 20.25 ? 164 PHE A CD2 1 
ATOM 420 C CE1 . PHE A 1 71  ? 0.190   0.599   0.582   1.00 19.12 ? 164 PHE A CE1 1 
ATOM 421 C CE2 . PHE A 1 71  ? -0.734  -1.583  0.976   1.00 19.72 ? 164 PHE A CE2 1 
ATOM 422 C CZ  . PHE A 1 71  ? 0.078   -0.539  1.384   1.00 20.41 ? 164 PHE A CZ  1 
ATOM 423 N N   . ILE A 1 72  ? -4.783  0.608   -4.135  1.00 20.39 ? 165 ILE A N   1 
ATOM 424 C CA  . ILE A 1 72  ? -5.328  1.075   -5.409  1.00 22.13 ? 165 ILE A CA  1 
ATOM 425 C C   . ILE A 1 72  ? -6.002  2.431   -5.163  1.00 23.89 ? 165 ILE A C   1 
ATOM 426 O O   . ILE A 1 72  ? -5.880  3.354   -5.980  1.00 24.24 ? 165 ILE A O   1 
ATOM 427 C CB  . ILE A 1 72  ? -6.380  0.088   -5.990  1.00 24.08 ? 165 ILE A CB  1 
ATOM 428 C CG1 . ILE A 1 72  ? -5.678  -1.166  -6.512  1.00 24.46 ? 165 ILE A CG1 1 
ATOM 429 C CG2 . ILE A 1 72  ? -7.168  0.756   -7.128  1.00 24.66 ? 165 ILE A CG2 1 
ATOM 430 C CD1 . ILE A 1 72  ? -6.617  -2.239  -7.000  1.00 29.87 ? 165 ILE A CD1 1 
ATOM 431 N N   . ARG A 1 73  ? -6.708  2.549   -4.040  1.00 22.37 ? 166 ARG A N   1 
ATOM 432 C CA  . ARG A 1 73  ? -7.386  3.797   -3.684  1.00 24.80 ? 166 ARG A CA  1 
ATOM 433 C C   . ARG A 1 73  ? -6.352  4.892   -3.423  1.00 24.97 ? 166 ARG A C   1 
ATOM 434 O O   . ARG A 1 73  ? -6.531  6.053   -3.819  1.00 24.80 ? 166 ARG A O   1 
ATOM 435 C CB  . ARG A 1 73  ? -8.250  3.597   -2.432  1.00 27.07 ? 166 ARG A CB  1 
ATOM 436 C CG  . ARG A 1 73  ? -9.502  2.748   -2.664  1.00 34.75 ? 166 ARG A CG  1 
ATOM 437 C CD  . ARG A 1 73  ? -10.577 3.525   -3.437  1.00 38.23 ? 166 ARG A CD  1 
ATOM 438 N NE  . ARG A 1 73  ? -11.635 2.657   -3.956  1.00 41.96 ? 166 ARG A NE  1 
ATOM 439 C CZ  . ARG A 1 73  ? -11.503 1.875   -5.024  1.00 43.86 ? 166 ARG A CZ  1 
ATOM 440 N NH1 . ARG A 1 73  ? -10.359 1.849   -5.696  1.00 45.71 ? 166 ARG A NH1 1 
ATOM 441 N NH2 . ARG A 1 73  ? -12.511 1.114   -5.425  1.00 45.73 ? 166 ARG A NH2 1 
ATOM 442 N N   . TRP A 1 74  ? -5.271  4.516   -2.751  1.00 22.60 ? 167 TRP A N   1 
ATOM 443 C CA  . TRP A 1 74  ? -4.196  5.455   -2.441  1.00 24.36 ? 167 TRP A CA  1 
ATOM 444 C C   . TRP A 1 74  ? -3.555  5.956   -3.726  1.00 24.30 ? 167 TRP A C   1 
ATOM 445 O O   . TRP A 1 74  ? -3.266  7.144   -3.865  1.00 25.15 ? 167 TRP A O   1 
ATOM 446 C CB  . TRP A 1 74  ? -3.137  4.770   -1.573  1.00 22.93 ? 167 TRP A CB  1 
ATOM 447 C CG  . TRP A 1 74  ? -1.805  5.457   -1.572  1.00 24.29 ? 167 TRP A CG  1 
ATOM 448 C CD1 . TRP A 1 74  ? -1.465  6.605   -0.904  1.00 21.33 ? 167 TRP A CD1 1 
ATOM 449 C CD2 . TRP A 1 74  ? -0.622  5.036   -2.270  1.00 25.08 ? 167 TRP A CD2 1 
ATOM 450 N NE1 . TRP A 1 74  ? -0.145  6.918   -1.144  1.00 24.67 ? 167 TRP A NE1 1 
ATOM 451 C CE2 . TRP A 1 74  ? 0.394   5.974   -1.977  1.00 25.36 ? 167 TRP A CE2 1 
ATOM 452 C CE3 . TRP A 1 74  ? -0.325  3.961   -3.115  1.00 26.36 ? 167 TRP A CE3 1 
ATOM 453 C CZ2 . TRP A 1 74  ? 1.689   5.863   -2.500  1.00 27.00 ? 167 TRP A CZ2 1 
ATOM 454 C CZ3 . TRP A 1 74  ? 0.967   3.852   -3.638  1.00 26.80 ? 167 TRP A CZ3 1 
ATOM 455 C CH2 . TRP A 1 74  ? 1.954   4.799   -3.327  1.00 26.11 ? 167 TRP A CH2 1 
ATOM 456 N N   . ARG A 1 75  ? -3.337  5.039   -4.663  1.00 24.52 ? 168 ARG A N   1 
ATOM 457 C CA  . ARG A 1 75  ? -2.717  5.390   -5.931  1.00 25.81 ? 168 ARG A CA  1 
ATOM 458 C C   . ARG A 1 75  ? -3.630  6.283   -6.771  1.00 26.82 ? 168 ARG A C   1 
ATOM 459 O O   . ARG A 1 75  ? -3.165  7.230   -7.397  1.00 25.29 ? 168 ARG A O   1 
ATOM 460 C CB  . ARG A 1 75  ? -2.352  4.125   -6.713  1.00 26.69 ? 168 ARG A CB  1 
ATOM 461 C CG  . ARG A 1 75  ? -1.438  4.386   -7.918  1.00 29.88 ? 168 ARG A CG  1 
ATOM 462 C CD  . ARG A 1 75  ? -1.182  3.109   -8.714  1.00 27.65 ? 168 ARG A CD  1 
ATOM 463 N NE  . ARG A 1 75  ? -2.423  2.544   -9.232  1.00 29.94 ? 168 ARG A NE  1 
ATOM 464 C CZ  . ARG A 1 75  ? -2.511  1.363   -9.838  1.00 29.86 ? 168 ARG A CZ  1 
ATOM 465 N NH1 . ARG A 1 75  ? -1.429  0.618   -10.004 1.00 30.51 ? 168 ARG A NH1 1 
ATOM 466 N NH2 . ARG A 1 75  ? -3.684  0.923   -10.275 1.00 32.78 ? 168 ARG A NH2 1 
ATOM 467 N N   . GLN A 1 76  ? -4.927  5.988   -6.781  1.00 27.28 ? 169 GLN A N   1 
ATOM 468 C CA  . GLN A 1 76  ? -5.869  6.795   -7.556  1.00 28.33 ? 169 GLN A CA  1 
ATOM 469 C C   . GLN A 1 76  ? -5.995  8.195   -6.964  1.00 27.44 ? 169 GLN A C   1 
ATOM 470 O O   . GLN A 1 76  ? -6.022  9.188   -7.690  1.00 28.58 ? 169 GLN A O   1 
ATOM 471 C CB  . GLN A 1 76  ? -7.254  6.137   -7.587  1.00 29.45 ? 169 GLN A CB  1 
ATOM 472 C CG  . GLN A 1 76  ? -8.223  6.764   -8.607  1.00 33.39 ? 169 GLN A CG  1 
ATOM 473 C CD  . GLN A 1 76  ? -8.778  8.113   -8.170  1.00 35.71 ? 169 GLN A CD  1 
ATOM 474 O OE1 . GLN A 1 76  ? -8.827  9.062   -8.958  1.00 38.88 ? 169 GLN A OE1 1 
ATOM 475 N NE2 . GLN A 1 76  ? -9.208  8.201   -6.916  1.00 35.80 ? 169 GLN A NE2 1 
ATOM 476 N N   . ARG A 1 77  ? -6.069  8.270   -5.641  1.00 27.09 ? 170 ARG A N   1 
ATOM 477 C CA  . ARG A 1 77  ? -6.216  9.552   -4.963  1.00 27.94 ? 170 ARG A CA  1 
ATOM 478 C C   . ARG A 1 77  ? -5.001  10.467  -5.062  1.00 25.88 ? 170 ARG A C   1 
ATOM 479 O O   . ARG A 1 77  ? -5.141  11.672  -5.280  1.00 24.37 ? 170 ARG A O   1 
ATOM 480 C CB  . ARG A 1 77  ? -6.569  9.331   -3.492  1.00 28.15 ? 170 ARG A CB  1 
ATOM 481 C CG  . ARG A 1 77  ? -8.026  8.971   -3.270  1.00 36.76 ? 170 ARG A CG  1 
ATOM 482 C CD  . ARG A 1 77  ? -8.724  10.050  -2.445  1.00 36.79 ? 170 ARG A CD  1 
ATOM 483 N NE  . ARG A 1 77  ? -8.385  9.956   -1.032  1.00 35.31 ? 170 ARG A NE  1 
ATOM 484 C CZ  . ARG A 1 77  ? -9.024  9.181   -0.159  1.00 36.32 ? 170 ARG A CZ  1 
ATOM 485 N NH1 . ARG A 1 77  ? -10.047 8.429   -0.550  1.00 37.70 ? 170 ARG A NH1 1 
ATOM 486 N NH2 . ARG A 1 77  ? -8.633  9.150   1.110   1.00 32.39 ? 170 ARG A NH2 1 
ATOM 487 N N   . PHE A 1 78  ? -3.805  9.911   -4.916  1.00 23.49 ? 171 PHE A N   1 
ATOM 488 C CA  . PHE A 1 78  ? -2.625  10.754  -4.971  1.00 26.48 ? 171 PHE A CA  1 
ATOM 489 C C   . PHE A 1 78  ? -1.864  10.754  -6.291  1.00 26.95 ? 171 PHE A C   1 
ATOM 490 O O   . PHE A 1 78  ? -0.881  11.477  -6.447  1.00 28.83 ? 171 PHE A O   1 
ATOM 491 C CB  . PHE A 1 78  ? -1.726  10.424  -3.782  1.00 23.94 ? 171 PHE A CB  1 
ATOM 492 C CG  . PHE A 1 78  ? -2.414  10.627  -2.457  1.00 24.95 ? 171 PHE A CG  1 
ATOM 493 C CD1 . PHE A 1 78  ? -3.038  9.564   -1.805  1.00 26.68 ? 171 PHE A CD1 1 
ATOM 494 C CD2 . PHE A 1 78  ? -2.523  11.907  -1.908  1.00 23.83 ? 171 PHE A CD2 1 
ATOM 495 C CE1 . PHE A 1 78  ? -3.769  9.776   -0.628  1.00 25.69 ? 171 PHE A CE1 1 
ATOM 496 C CE2 . PHE A 1 78  ? -3.248  12.129  -0.741  1.00 25.03 ? 171 PHE A CE2 1 
ATOM 497 C CZ  . PHE A 1 78  ? -3.875  11.062  -0.098  1.00 25.66 ? 171 PHE A CZ  1 
ATOM 498 N N   . GLY A 1 79  ? -2.351  9.967   -7.246  1.00 27.88 ? 172 GLY A N   1 
ATOM 499 C CA  . GLY A 1 79  ? -1.745  9.907   -8.569  1.00 28.64 ? 172 GLY A CA  1 
ATOM 500 C C   . GLY A 1 79  ? -0.233  9.996   -8.688  1.00 29.71 ? 172 GLY A C   1 
ATOM 501 O O   . GLY A 1 79  ? 0.484   9.129   -8.202  1.00 28.13 ? 172 GLY A O   1 
ATOM 502 N N   . LYS A 1 80  ? 0.253   11.047  -9.347  1.00 30.31 ? 173 LYS A N   1 
ATOM 503 C CA  . LYS A 1 80  ? 1.690   11.243  -9.560  1.00 29.62 ? 173 LYS A CA  1 
ATOM 504 C C   . LYS A 1 80  ? 2.525   11.184  -8.282  1.00 30.03 ? 173 LYS A C   1 
ATOM 505 O O   . LYS A 1 80  ? 3.724   10.889  -8.328  1.00 30.16 ? 173 LYS A O   1 
ATOM 506 C CB  . LYS A 1 80  ? 1.933   12.577  -10.281 1.00 28.96 ? 173 LYS A CB  1 
ATOM 507 N N   . GLN A 1 81  ? 1.898   11.463  -7.147  1.00 30.12 ? 174 GLN A N   1 
ATOM 508 C CA  . GLN A 1 81  ? 2.608   11.446  -5.872  1.00 30.65 ? 174 GLN A CA  1 
ATOM 509 C C   . GLN A 1 81  ? 2.539   10.097  -5.159  1.00 30.32 ? 174 GLN A C   1 
ATOM 510 O O   . GLN A 1 81  ? 3.236   9.880   -4.168  1.00 30.88 ? 174 GLN A O   1 
ATOM 511 C CB  . GLN A 1 81  ? 2.061   12.535  -4.954  1.00 28.29 ? 174 GLN A CB  1 
ATOM 512 C CG  . GLN A 1 81  ? 2.054   13.909  -5.588  1.00 30.61 ? 174 GLN A CG  1 
ATOM 513 C CD  . GLN A 1 81  ? 1.563   14.967  -4.634  1.00 30.98 ? 174 GLN A CD  1 
ATOM 514 O OE1 . GLN A 1 81  ? 2.347   15.584  -3.909  1.00 33.80 ? 174 GLN A OE1 1 
ATOM 515 N NE2 . GLN A 1 81  ? 0.256   15.171  -4.613  1.00 32.73 ? 174 GLN A NE2 1 
ATOM 516 N N   . ALA A 1 82  ? 1.693   9.199   -5.651  1.00 30.92 ? 175 ALA A N   1 
ATOM 517 C CA  . ALA A 1 82  ? 1.572   7.872   -5.048  1.00 30.32 ? 175 ALA A CA  1 
ATOM 518 C C   . ALA A 1 82  ? 2.711   7.029   -5.604  1.00 29.83 ? 175 ALA A C   1 
ATOM 519 O O   . ALA A 1 82  ? 2.487   6.123   -6.402  1.00 31.36 ? 175 ALA A O   1 
ATOM 520 C CB  . ALA A 1 82  ? 0.230   7.246   -5.413  1.00 29.92 ? 175 ALA A CB  1 
ATOM 521 N N   . THR A 1 83  ? 3.926   7.326   -5.155  1.00 30.86 ? 176 THR A N   1 
ATOM 522 C CA  . THR A 1 83  ? 5.130   6.646   -5.632  1.00 32.13 ? 176 THR A CA  1 
ATOM 523 C C   . THR A 1 83  ? 5.818   5.687   -4.657  1.00 32.85 ? 176 THR A C   1 
ATOM 524 O O   . THR A 1 83  ? 5.436   5.561   -3.491  1.00 30.99 ? 176 THR A O   1 
ATOM 525 C CB  . THR A 1 83  ? 6.193   7.675   -6.025  1.00 33.09 ? 176 THR A CB  1 
ATOM 526 O OG1 . THR A 1 83  ? 6.639   8.350   -4.841  1.00 29.57 ? 176 THR A OG1 1 
ATOM 527 C CG2 . THR A 1 83  ? 5.620   8.691   -7.012  1.00 33.42 ? 176 THR A CG2 1 
ATOM 528 N N   . PHE A 1 84  ? 6.867   5.035   -5.157  1.00 33.06 ? 177 PHE A N   1 
ATOM 529 C CA  . PHE A 1 84  ? 7.650   4.107   -4.354  1.00 34.35 ? 177 PHE A CA  1 
ATOM 530 C C   . PHE A 1 84  ? 8.339   4.859   -3.224  1.00 33.98 ? 177 PHE A C   1 
ATOM 531 O O   . PHE A 1 84  ? 8.574   4.305   -2.147  1.00 33.08 ? 177 PHE A O   1 
ATOM 532 C CB  . PHE A 1 84  ? 8.669   3.382   -5.236  1.00 34.00 ? 177 PHE A CB  1 
ATOM 533 C CG  . PHE A 1 84  ? 8.094   2.209   -5.967  1.00 33.38 ? 177 PHE A CG  1 
ATOM 534 C CD1 . PHE A 1 84  ? 7.917   0.993   -5.315  1.00 33.62 ? 177 PHE A CD1 1 
ATOM 535 C CD2 . PHE A 1 84  ? 7.687   2.324   -7.289  1.00 33.91 ? 177 PHE A CD2 1 
ATOM 536 C CE1 . PHE A 1 84  ? 7.345   -0.089  -5.968  1.00 33.15 ? 177 PHE A CE1 1 
ATOM 537 C CE2 . PHE A 1 84  ? 7.110   1.245   -7.955  1.00 34.02 ? 177 PHE A CE2 1 
ATOM 538 C CZ  . PHE A 1 84  ? 6.938   0.036   -7.292  1.00 34.60 ? 177 PHE A CZ  1 
ATOM 539 N N   . GLN A 1 85  ? 8.660   6.128   -3.465  1.00 35.27 ? 178 GLN A N   1 
ATOM 540 C CA  . GLN A 1 85  ? 9.279   6.943   -2.429  1.00 35.30 ? 178 GLN A CA  1 
ATOM 541 C C   . GLN A 1 85  ? 8.288   7.072   -1.271  1.00 35.42 ? 178 GLN A C   1 
ATOM 542 O O   . GLN A 1 85  ? 8.671   6.989   -0.104  1.00 35.65 ? 178 GLN A O   1 
ATOM 543 C CB  . GLN A 1 85  ? 9.625   8.335   -2.968  1.00 37.81 ? 178 GLN A CB  1 
ATOM 544 C CG  . GLN A 1 85  ? 10.085  9.330   -1.897  1.00 40.01 ? 178 GLN A CG  1 
ATOM 545 C CD  . GLN A 1 85  ? 11.326  8.870   -1.144  1.00 43.24 ? 178 GLN A CD  1 
ATOM 546 O OE1 . GLN A 1 85  ? 12.367  8.604   -1.744  1.00 44.66 ? 178 GLN A OE1 1 
ATOM 547 N NE2 . GLN A 1 85  ? 11.221  8.781   0.175   1.00 43.53 ? 178 GLN A NE2 1 
ATOM 548 N N   . SER A 1 86  ? 7.014   7.275   -1.607  1.00 34.85 ? 179 SER A N   1 
ATOM 549 C CA  . SER A 1 86  ? 5.958   7.413   -0.603  1.00 34.42 ? 179 SER A CA  1 
ATOM 550 C C   . SER A 1 86  ? 5.793   6.114   0.182   1.00 31.24 ? 179 SER A C   1 
ATOM 551 O O   . SER A 1 86  ? 5.639   6.132   1.404   1.00 28.75 ? 179 SER A O   1 
ATOM 552 C CB  . SER A 1 86  ? 4.622   7.767   -1.268  1.00 35.39 ? 179 SER A CB  1 
ATOM 553 O OG  . SER A 1 86  ? 4.710   8.982   -1.990  1.00 40.73 ? 179 SER A OG  1 
ATOM 554 N N   . LEU A 1 87  ? 5.815   4.990   -0.528  1.00 30.92 ? 180 LEU A N   1 
ATOM 555 C CA  . LEU A 1 87  ? 5.672   3.685   0.112   1.00 31.56 ? 180 LEU A CA  1 
ATOM 556 C C   . LEU A 1 87  ? 6.796   3.480   1.122   1.00 32.75 ? 180 LEU A C   1 
ATOM 557 O O   . LEU A 1 87  ? 6.570   3.010   2.241   1.00 30.47 ? 180 LEU A O   1 
ATOM 558 C CB  . LEU A 1 87  ? 5.691   2.579   -0.944  1.00 30.05 ? 180 LEU A CB  1 
ATOM 559 C CG  . LEU A 1 87  ? 4.486   2.585   -1.889  1.00 29.56 ? 180 LEU A CG  1 
ATOM 560 C CD1 . LEU A 1 87  ? 4.651   1.509   -2.950  1.00 30.08 ? 180 LEU A CD1 1 
ATOM 561 C CD2 . LEU A 1 87  ? 3.205   2.360   -1.077  1.00 29.54 ? 180 LEU A CD2 1 
ATOM 562 N N   . HIS A 1 88  ? 8.007   3.848   0.718   1.00 33.91 ? 181 HIS A N   1 
ATOM 563 C CA  . HIS A 1 88  ? 9.176   3.724   1.575   1.00 37.76 ? 181 HIS A CA  1 
ATOM 564 C C   . HIS A 1 88  ? 8.944   4.510   2.865   1.00 39.12 ? 181 HIS A C   1 
ATOM 565 O O   . HIS A 1 88  ? 9.248   4.034   3.957   1.00 40.79 ? 181 HIS A O   1 
ATOM 566 C CB  . HIS A 1 88  ? 10.416  4.250   0.843   1.00 39.68 ? 181 HIS A CB  1 
ATOM 567 C CG  . HIS A 1 88  ? 11.708  3.889   1.508   1.00 41.76 ? 181 HIS A CG  1 
ATOM 568 N ND1 . HIS A 1 88  ? 12.115  4.448   2.700   1.00 44.79 ? 181 HIS A ND1 1 
ATOM 569 C CD2 . HIS A 1 88  ? 12.664  2.994   1.166   1.00 43.26 ? 181 HIS A CD2 1 
ATOM 570 C CE1 . HIS A 1 88  ? 13.264  3.910   3.066   1.00 44.60 ? 181 HIS A CE1 1 
ATOM 571 N NE2 . HIS A 1 88  ? 13.619  3.025   2.153   1.00 44.47 ? 181 HIS A NE2 1 
ATOM 572 N N   . ASN A 1 89  ? 8.389   5.711   2.735   1.00 40.78 ? 182 ASN A N   1 
ATOM 573 C CA  . ASN A 1 89  ? 8.109   6.546   3.897   1.00 40.90 ? 182 ASN A CA  1 
ATOM 574 C C   . ASN A 1 89  ? 7.023   5.911   4.759   1.00 40.28 ? 182 ASN A C   1 
ATOM 575 O O   . ASN A 1 89  ? 7.081   5.966   5.989   1.00 40.45 ? 182 ASN A O   1 
ATOM 576 C CB  . ASN A 1 89  ? 7.651   7.939   3.464   1.00 43.94 ? 182 ASN A CB  1 
ATOM 577 C CG  . ASN A 1 89  ? 8.672   8.646   2.592   1.00 46.36 ? 182 ASN A CG  1 
ATOM 578 O OD1 . ASN A 1 89  ? 9.877   8.575   2.842   1.00 46.75 ? 182 ASN A OD1 1 
ATOM 579 N ND2 . ASN A 1 89  ? 8.191   9.347   1.572   1.00 47.08 ? 182 ASN A ND2 1 
ATOM 580 N N   . GLY A 1 90  ? 6.031   5.313   4.105   1.00 38.78 ? 183 GLY A N   1 
ATOM 581 C CA  . GLY A 1 90  ? 4.947   4.680   4.832   1.00 36.06 ? 183 GLY A CA  1 
ATOM 582 C C   . GLY A 1 90  ? 5.443   3.518   5.668   1.00 35.23 ? 183 GLY A C   1 
ATOM 583 O O   . GLY A 1 90  ? 5.104   3.400   6.847   1.00 33.89 ? 183 GLY A O   1 
ATOM 584 N N   . LEU A 1 91  ? 6.255   2.663   5.052   1.00 33.95 ? 184 LEU A N   1 
ATOM 585 C CA  . LEU A 1 91  ? 6.805   1.498   5.732   1.00 35.81 ? 184 LEU A CA  1 
ATOM 586 C C   . LEU A 1 91  ? 7.566   1.921   6.977   1.00 37.19 ? 184 LEU A C   1 
ATOM 587 O O   . LEU A 1 91  ? 7.427   1.307   8.037   1.00 36.96 ? 184 LEU A O   1 
ATOM 588 C CB  . LEU A 1 91  ? 7.728   0.724   4.786   1.00 35.07 ? 184 LEU A CB  1 
ATOM 589 C CG  . LEU A 1 91  ? 7.028   -0.048  3.664   1.00 32.80 ? 184 LEU A CG  1 
ATOM 590 C CD1 . LEU A 1 91  ? 8.040   -0.499  2.635   1.00 32.66 ? 184 LEU A CD1 1 
ATOM 591 C CD2 . LEU A 1 91  ? 6.285   -1.240  4.259   1.00 31.52 ? 184 LEU A CD2 1 
ATOM 592 N N   . ARG A 1 92  ? 8.363   2.977   6.844   1.00 38.67 ? 185 ARG A N   1 
ATOM 593 C CA  . ARG A 1 92  ? 9.143   3.486   7.964   1.00 40.99 ? 185 ARG A CA  1 
ATOM 594 C C   . ARG A 1 92  ? 8.204   3.969   9.065   1.00 42.26 ? 185 ARG A C   1 
ATOM 595 O O   . ARG A 1 92  ? 8.478   3.799   10.253  1.00 43.61 ? 185 ARG A O   1 
ATOM 596 C CB  . ARG A 1 92  ? 10.045  4.629   7.499   1.00 38.61 ? 185 ARG A CB  1 
ATOM 597 N N   . ALA A 1 93  ? 7.086   4.560   8.658   1.00 43.32 ? 186 ALA A N   1 
ATOM 598 C CA  . ALA A 1 93  ? 6.104   5.070   9.604   1.00 42.97 ? 186 ALA A CA  1 
ATOM 599 C C   . ALA A 1 93  ? 5.550   3.970   10.510  1.00 43.03 ? 186 ALA A C   1 
ATOM 600 O O   . ALA A 1 93  ? 5.320   4.193   11.698  1.00 42.44 ? 186 ALA A O   1 
ATOM 601 C CB  . ALA A 1 93  ? 4.965   5.754   8.851   1.00 44.47 ? 186 ALA A CB  1 
ATOM 602 N N   . VAL A 1 94  ? 5.346   2.780   9.952   1.00 42.31 ? 187 VAL A N   1 
ATOM 603 C CA  . VAL A 1 94  ? 4.802   1.669   10.724  1.00 42.30 ? 187 VAL A CA  1 
ATOM 604 C C   . VAL A 1 94  ? 5.862   0.683   11.201  1.00 42.40 ? 187 VAL A C   1 
ATOM 605 O O   . VAL A 1 94  ? 5.596   -0.510  11.343  1.00 42.71 ? 187 VAL A O   1 
ATOM 606 C CB  . VAL A 1 94  ? 3.732   0.902   9.916   1.00 41.18 ? 187 VAL A CB  1 
ATOM 607 C CG1 . VAL A 1 94  ? 2.559   1.819   9.620   1.00 41.79 ? 187 VAL A CG1 1 
ATOM 608 C CG2 . VAL A 1 94  ? 4.332   0.367   8.625   1.00 40.68 ? 187 VAL A CG2 1 
ATOM 609 N N   . GLU A 1 95  ? 7.067   1.192   11.439  1.00 43.85 ? 188 GLU A N   1 
ATOM 610 C CA  . GLU A 1 95  ? 8.172   0.382   11.932  1.00 44.26 ? 188 GLU A CA  1 
ATOM 611 C C   . GLU A 1 95  ? 8.363   -0.913  11.156  1.00 45.14 ? 188 GLU A C   1 
ATOM 612 O O   . GLU A 1 95  ? 8.663   -1.959  11.736  1.00 45.23 ? 188 GLU A O   1 
ATOM 613 C CB  . GLU A 1 95  ? 7.951   0.062   13.412  1.00 45.04 ? 188 GLU A CB  1 
ATOM 614 C CG  . GLU A 1 95  ? 7.461   1.255   14.216  1.00 46.14 ? 188 GLU A CG  1 
ATOM 615 C CD  . GLU A 1 95  ? 7.275   0.944   15.682  1.00 47.50 ? 188 GLU A CD  1 
ATOM 616 O OE1 . GLU A 1 95  ? 6.686   -0.114  16.002  1.00 47.66 ? 188 GLU A OE1 1 
ATOM 617 O OE2 . GLU A 1 95  ? 7.708   1.766   16.515  1.00 49.11 ? 188 GLU A OE2 1 
ATOM 618 N N   . VAL A 1 96  ? 8.181   -0.850  9.844   1.00 45.31 ? 189 VAL A N   1 
ATOM 619 C CA  . VAL A 1 96  ? 8.367   -2.030  9.022   1.00 45.23 ? 189 VAL A CA  1 
ATOM 620 C C   . VAL A 1 96  ? 9.616   -1.859  8.180   1.00 45.41 ? 189 VAL A C   1 
ATOM 621 O O   . VAL A 1 96  ? 9.827   -0.818  7.552   1.00 45.82 ? 189 VAL A O   1 
ATOM 622 C CB  . VAL A 1 96  ? 7.169   -2.285  8.092   1.00 45.63 ? 189 VAL A CB  1 
ATOM 623 C CG1 . VAL A 1 96  ? 7.477   -3.450  7.154   1.00 44.56 ? 189 VAL A CG1 1 
ATOM 624 C CG2 . VAL A 1 96  ? 5.932   -2.591  8.920   1.00 46.01 ? 189 VAL A CG2 1 
ATOM 625 N N   . ASP A 1 97  ? 10.446  -2.894  8.184   1.00 45.65 ? 190 ASP A N   1 
ATOM 626 C CA  . ASP A 1 97  ? 11.688  -2.897  7.427   1.00 45.40 ? 190 ASP A CA  1 
ATOM 627 C C   . ASP A 1 97  ? 11.408  -2.465  5.990   1.00 44.90 ? 190 ASP A C   1 
ATOM 628 O O   . ASP A 1 97  ? 10.778  -3.199  5.227   1.00 43.88 ? 190 ASP A O   1 
ATOM 629 C CB  . ASP A 1 97  ? 12.282  -4.305  7.437   1.00 47.20 ? 190 ASP A CB  1 
ATOM 630 C CG  . ASP A 1 97  ? 13.751  -4.317  7.102   1.00 47.65 ? 190 ASP A CG  1 
ATOM 631 O OD1 . ASP A 1 97  ? 14.155  -3.594  6.169   1.00 48.22 ? 190 ASP A OD1 1 
ATOM 632 O OD2 . ASP A 1 97  ? 14.499  -5.062  7.769   1.00 47.82 ? 190 ASP A OD2 1 
ATOM 633 N N   . PRO A 1 98  ? 11.871  -1.263  5.602   1.00 44.96 ? 191 PRO A N   1 
ATOM 634 C CA  . PRO A 1 98  ? 11.658  -0.755  4.243   1.00 44.21 ? 191 PRO A CA  1 
ATOM 635 C C   . PRO A 1 98  ? 12.374  -1.573  3.170   1.00 43.69 ? 191 PRO A C   1 
ATOM 636 O O   . PRO A 1 98  ? 12.132  -1.389  1.976   1.00 41.46 ? 191 PRO A O   1 
ATOM 637 C CB  . PRO A 1 98  ? 12.169  0.683   4.330   1.00 44.16 ? 191 PRO A CB  1 
ATOM 638 C CG  . PRO A 1 98  ? 13.244  0.592   5.364   1.00 45.15 ? 191 PRO A CG  1 
ATOM 639 C CD  . PRO A 1 98  ? 12.601  -0.278  6.419   1.00 44.13 ? 191 PRO A CD  1 
ATOM 640 N N   . SER A 1 99  ? 13.249  -2.477  3.605   1.00 43.51 ? 192 SER A N   1 
ATOM 641 C CA  . SER A 1 99  ? 13.994  -3.339  2.688   1.00 43.20 ? 192 SER A CA  1 
ATOM 642 C C   . SER A 1 99  ? 13.016  -4.159  1.858   1.00 41.40 ? 192 SER A C   1 
ATOM 643 O O   . SER A 1 99  ? 13.341  -4.616  0.761   1.00 42.27 ? 192 SER A O   1 
ATOM 644 C CB  . SER A 1 99  ? 14.908  -4.287  3.472   1.00 44.18 ? 192 SER A CB  1 
ATOM 645 O OG  . SER A 1 99  ? 15.758  -3.566  4.346   1.00 47.36 ? 192 SER A OG  1 
ATOM 646 N N   . LEU A 1 100 ? 11.818  -4.343  2.401   1.00 38.83 ? 193 LEU A N   1 
ATOM 647 C CA  . LEU A 1 100 ? 10.760  -5.098  1.739   1.00 38.29 ? 193 LEU A CA  1 
ATOM 648 C C   . LEU A 1 100 ? 10.609  -4.686  0.279   1.00 37.47 ? 193 LEU A C   1 
ATOM 649 O O   . LEU A 1 100 ? 10.396  -5.530  -0.589  1.00 38.97 ? 193 LEU A O   1 
ATOM 650 C CB  . LEU A 1 100 ? 9.437   -4.886  2.486   1.00 37.89 ? 193 LEU A CB  1 
ATOM 651 C CG  . LEU A 1 100 ? 8.145   -5.551  1.994   1.00 38.05 ? 193 LEU A CG  1 
ATOM 652 C CD1 . LEU A 1 100 ? 7.132   -5.559  3.132   1.00 37.05 ? 193 LEU A CD1 1 
ATOM 653 C CD2 . LEU A 1 100 ? 7.585   -4.813  0.781   1.00 36.39 ? 193 LEU A CD2 1 
ATOM 654 N N   . LEU A 1 101 ? 10.721  -3.386  0.016   1.00 36.04 ? 194 LEU A N   1 
ATOM 655 C CA  . LEU A 1 101 ? 10.589  -2.852  -1.337  1.00 35.81 ? 194 LEU A CA  1 
ATOM 656 C C   . LEU A 1 101 ? 11.709  -3.285  -2.277  1.00 36.63 ? 194 LEU A C   1 
ATOM 657 O O   . LEU A 1 101 ? 11.462  -3.614  -3.441  1.00 34.93 ? 194 LEU A O   1 
ATOM 658 C CB  . LEU A 1 101 ? 10.523  -1.324  -1.287  1.00 35.86 ? 194 LEU A CB  1 
ATOM 659 C CG  . LEU A 1 101 ? 9.225   -0.742  -0.725  1.00 34.97 ? 194 LEU A CG  1 
ATOM 660 C CD1 . LEU A 1 101 ? 9.356   0.768   -0.566  1.00 35.66 ? 194 LEU A CD1 1 
ATOM 661 C CD2 . LEU A 1 101 ? 8.074   -1.093  -1.657  1.00 34.63 ? 194 LEU A CD2 1 
ATOM 662 N N   . LEU A 1 102 ? 12.940  -3.272  -1.769  1.00 38.92 ? 195 LEU A N   1 
ATOM 663 C CA  . LEU A 1 102 ? 14.108  -3.670  -2.550  1.00 41.26 ? 195 LEU A CA  1 
ATOM 664 C C   . LEU A 1 102 ? 13.948  -5.104  -3.043  1.00 42.42 ? 195 LEU A C   1 
ATOM 665 O O   . LEU A 1 102 ? 14.104  -5.381  -4.232  1.00 42.63 ? 195 LEU A O   1 
ATOM 666 C CB  . LEU A 1 102 ? 15.371  -3.562  -1.695  1.00 42.03 ? 195 LEU A CB  1 
ATOM 667 C CG  . LEU A 1 102 ? 15.739  -2.162  -1.201  1.00 42.91 ? 195 LEU A CG  1 
ATOM 668 C CD1 . LEU A 1 102 ? 16.797  -2.259  -0.118  1.00 44.85 ? 195 LEU A CD1 1 
ATOM 669 C CD2 . LEU A 1 102 ? 16.235  -1.325  -2.369  1.00 44.96 ? 195 LEU A CD2 1 
ATOM 670 N N   . HIS A 1 103 ? 13.641  -6.007  -2.116  1.00 43.29 ? 196 HIS A N   1 
ATOM 671 C CA  . HIS A 1 103 ? 13.447  -7.420  -2.431  1.00 44.48 ? 196 HIS A CA  1 
ATOM 672 C C   . HIS A 1 103 ? 12.326  -7.570  -3.448  1.00 45.65 ? 196 HIS A C   1 
ATOM 673 O O   . HIS A 1 103 ? 12.380  -8.409  -4.347  1.00 44.70 ? 196 HIS A O   1 
ATOM 674 C CB  . HIS A 1 103 ? 13.078  -8.191  -1.160  1.00 44.11 ? 196 HIS A CB  1 
ATOM 675 C CG  . HIS A 1 103 ? 14.199  -8.312  -0.177  1.00 44.16 ? 196 HIS A CG  1 
ATOM 676 N ND1 . HIS A 1 103 ? 15.165  -9.290  -0.267  1.00 45.32 ? 196 HIS A ND1 1 
ATOM 677 C CD2 . HIS A 1 103 ? 14.518  -7.565  0.906   1.00 44.61 ? 196 HIS A CD2 1 
ATOM 678 C CE1 . HIS A 1 103 ? 16.031  -9.142  0.720   1.00 45.01 ? 196 HIS A CE1 1 
ATOM 679 N NE2 . HIS A 1 103 ? 15.661  -8.103  1.447   1.00 44.96 ? 196 HIS A NE2 1 
ATOM 680 N N   . MET A 1 104 ? 11.307  -6.738  -3.291  1.00 47.96 ? 197 MET A N   1 
ATOM 681 C CA  . MET A 1 104 ? 10.144  -6.759  -4.161  1.00 50.73 ? 197 MET A CA  1 
ATOM 682 C C   . MET A 1 104 ? 10.494  -6.317  -5.579  1.00 53.62 ? 197 MET A C   1 
ATOM 683 O O   . MET A 1 104 ? 9.933   -6.821  -6.556  1.00 53.79 ? 197 MET A O   1 
ATOM 684 C CB  . MET A 1 104 ? 9.074   -5.844  -3.577  1.00 49.28 ? 197 MET A CB  1 
ATOM 685 C CG  . MET A 1 104 ? 7.674   -6.140  -4.042  1.00 47.87 ? 197 MET A CG  1 
ATOM 686 S SD  . MET A 1 104 ? 6.575   -4.858  -3.463  1.00 46.47 ? 197 MET A SD  1 
ATOM 687 C CE  . MET A 1 104 ? 6.409   -3.886  -4.971  1.00 44.10 ? 197 MET A CE  1 
ATOM 688 N N   . LEU A 1 105 ? 11.422  -5.371  -5.684  1.00 57.07 ? 198 LEU A N   1 
ATOM 689 C CA  . LEU A 1 105 ? 11.853  -4.850  -6.976  1.00 60.59 ? 198 LEU A CA  1 
ATOM 690 C C   . LEU A 1 105 ? 13.073  -5.591  -7.517  1.00 62.77 ? 198 LEU A C   1 
ATOM 691 O O   . LEU A 1 105 ? 13.734  -5.127  -8.447  1.00 63.34 ? 198 LEU A O   1 
ATOM 692 C CB  . LEU A 1 105 ? 12.170  -3.358  -6.855  1.00 60.23 ? 198 LEU A CB  1 
ATOM 693 C CG  . LEU A 1 105 ? 10.973  -2.446  -6.589  1.00 60.23 ? 198 LEU A CG  1 
ATOM 694 C CD1 . LEU A 1 105 ? 11.447  -1.024  -6.360  1.00 60.25 ? 198 LEU A CD1 1 
ATOM 695 C CD2 . LEU A 1 105 ? 10.019  -2.510  -7.771  1.00 60.08 ? 198 LEU A CD2 1 
ATOM 696 N N   . GLU A 1 106 ? 13.366  -6.744  -6.931  1.00 64.92 ? 199 GLU A N   1 
ATOM 697 C CA  . GLU A 1 106 ? 14.508  -7.549  -7.349  1.00 67.17 ? 199 GLU A CA  1 
ATOM 698 C C   . GLU A 1 106 ? 14.250  -9.024  -7.058  1.00 68.23 ? 199 GLU A C   1 
ATOM 699 O O   . GLU A 1 106 ? 13.144  -9.404  -6.660  1.00 69.39 ? 199 GLU A O   1 
ATOM 700 C CB  . GLU A 1 106 ? 15.769  -7.091  -6.612  1.00 67.99 ? 199 GLU A CB  1 
ATOM 701 C CG  . GLU A 1 106 ? 16.238  -5.697  -6.993  1.00 69.23 ? 199 GLU A CG  1 
ATOM 702 C CD  . GLU A 1 106 ? 17.249  -5.133  -6.017  1.00 70.23 ? 199 GLU A CD  1 
ATOM 703 O OE1 . GLU A 1 106 ? 18.274  -5.801  -5.762  1.00 71.10 ? 199 GLU A OE1 1 
ATOM 704 O OE2 . GLU A 1 106 ? 17.019  -4.015  -5.508  1.00 71.12 ? 199 GLU A OE2 1 
# 
